data_8B77
#
_entry.id   8B77
#
_cell.length_a   158.994
_cell.length_b   71.030
_cell.length_c   155.255
_cell.angle_alpha   90.000
_cell.angle_beta   112.990
_cell.angle_gamma   90.000
#
_symmetry.space_group_name_H-M   'C 1 2 1'
#
loop_
_entity.id
_entity.type
_entity.pdbx_description
1 polymer 'DNA polymerase epsilon catalytic subunit A'
2 polymer 'Primer DNA sequence'
3 polymer 'Template DNA sequence'
4 non-polymer "2'-DEOXYADENOSINE 5'-TRIPHOSPHATE"
5 non-polymer 'CALCIUM ION'
#
loop_
_entity_poly.entity_id
_entity_poly.type
_entity_poly.pdbx_seq_one_letter_code
_entity_poly.pdbx_strand_id
1 'polypeptide(L)'
;GGDPHMMFGKKKNNGGSSTARYSAGNKYNTLSNNYALSAQQLLNASKIDDIDSMMGFERYVPPQYNGRFDAKDIDQIPGR
VGWLTNMHATLVSQETLSSGSNGGGNSNDGERVTTNQGISGVDFYFLDEEGGSFKSTVVYDPYFFIACNDESRVNDVEEL
VKKYLESCLKSLQIIRKEDLTMDNHLLGLQKTLIKLSFVNSNQLFEARKLLRPILQDNANNNVQRNIYNVAANGSEKVDA
KHLIEDIREYDVPYHVRVSIDKDIRVGKWYKVTQQGFIEDTRKIAFADPVVMAFAIATTKPPLKFPDSAVDQIMMISYMI
DGEGFLITNREIISEDIEDFEYTPKPEYPGFFTIFNENDEVALLQRFFEHIRDVRPTVISTFNGDFFDWPFIHNRSKIHG
LDMFDEIGFAPDAEGEYKSSYCSHMDCFRWVKRDSYLPQGSQGLKAVTQSKLGYNPIELDPELMTPYAFEKPQHLSEYSV
SDAVATYYLYMKYVHPFIFSLCTIIPLNPDETLRKGTGTLCEMLLMVQAYQHNILLPNKHTDPIERFYDGHLLESETYVG
GHVESLEAGVFRSDLKNEFKIDPSAIDELLQELPEALKFSVEVENKSSVDKVTNFEEIKNQITQKLLELKENNIRNELPL
IYHVDVASMYPNIMTTNRLQPDSIKAERDCASCDFNRPGKTCARKLKWAWRGEFFPSKMDEYNMIKRALQNETFPNKNKF
SKKKVLTFDELSYADQVIHIKKRLTEYSRKVYHRVKVSEIVEREAIVCQRENPFYVDTVKSFRDRRYEFKGLAKTWKGNL
SKIDPSDKHARDEAKKMIVLYDSLQLAHKVILVSFYGYVMRKGSRWYSMEMAGITCLTGATIIQMARALVERVGRPLELD
TDGIWCILPKSFPETYFFTLENGKKLYLSYPCSMLNYRVHQKFTNHQYQELKDPLNYIYETHSENTIFFEVDGPYKAMIL
PSSKEEGKGIKKRYAVFNEDGSLAELKGFELKRRGELQLIKNFQSDIFKVFLEGDTLEGCYSAVASVCNRWLDVLDSHGL
MLEDEDLVSLICENRSMSKTLKEYEGQKSTSITTARRLGDFLGEDMVKDKGLQCKYIISSKPFNAPVTERAIPVAIFSAD
IPIKRSFLRRWTLDPSLEDLDIRTIIDWGYYRERLGSAIQKIITIPAALQGVSNPVPRVEHPDWLKRKIAT
;
A
2 'polydeoxyribonucleotide' (DT)(DA)(DA)(DC)(DC)(DG)(DC)(DG)(DT)(DT)(DOC) P
3 'polydeoxyribonucleotide' (DC)(DT)(DC)(DT)(DT)(DG)(DA)(DA)(DC)(DG)(DC)(DG)(DG)(DT)(DT)(DA) T
#
loop_
_chem_comp.id
_chem_comp.type
_chem_comp.name
_chem_comp.formula
CA non-polymer 'CALCIUM ION' 'Ca 2'
DA DNA linking 2'-DEOXYADENOSINE-5'-MONOPHOSPHATE 'C10 H14 N5 O6 P'
DC DNA linking 2'-DEOXYCYTIDINE-5'-MONOPHOSPHATE 'C9 H14 N3 O7 P'
DG DNA linking 2'-DEOXYGUANOSINE-5'-MONOPHOSPHATE 'C10 H14 N5 O7 P'
DOC DNA linking 2',3'-DIDEOXYCYTIDINE-5'-MONOPHOSPHATE 'C9 H14 N3 O6 P'
DT DNA linking THYMIDINE-5'-MONOPHOSPHATE 'C10 H15 N2 O8 P'
DTP non-polymer '2'-DEOXYADENOSINE 5'-TRIPHOSPHATE' 'C10 H16 N5 O12 P3'
#
# COMPACT_ATOMS: atom_id res chain seq x y z
N ALA A 36 38.34 -4.03 -12.40
CA ALA A 36 38.55 -3.16 -13.55
C ALA A 36 37.74 -1.88 -13.42
N LEU A 37 36.50 -2.00 -12.92
CA LEU A 37 35.63 -0.84 -12.72
C LEU A 37 35.84 -0.18 -11.37
N SER A 38 36.74 -0.71 -10.54
CA SER A 38 36.96 -0.17 -9.20
C SER A 38 37.14 1.34 -9.23
N ALA A 39 37.99 1.82 -10.15
CA ALA A 39 38.33 3.24 -10.22
C ALA A 39 37.08 4.11 -10.31
N GLN A 40 36.09 3.67 -11.10
CA GLN A 40 34.83 4.39 -11.17
C GLN A 40 34.18 4.48 -9.80
N GLN A 41 34.20 3.38 -9.04
CA GLN A 41 33.63 3.40 -7.69
C GLN A 41 34.47 4.25 -6.75
N LEU A 42 35.79 4.12 -6.81
CA LEU A 42 36.64 4.97 -5.97
C LEU A 42 36.46 6.44 -6.31
N LEU A 43 36.30 6.75 -7.60
CA LEU A 43 36.11 8.14 -8.01
C LEU A 43 34.80 8.71 -7.47
N ASN A 44 33.72 7.92 -7.57
CA ASN A 44 32.42 8.39 -7.11
C ASN A 44 32.48 8.77 -5.64
N ALA A 45 33.03 7.89 -4.81
CA ALA A 45 33.14 8.16 -3.38
C ALA A 45 33.87 9.47 -3.13
N SER A 46 35.03 9.66 -3.77
CA SER A 46 35.81 10.88 -3.63
C SER A 46 34.94 12.13 -3.81
N LYS A 47 34.29 12.24 -4.97
CA LYS A 47 33.44 13.39 -5.26
C LYS A 47 32.37 13.57 -4.19
N ILE A 48 31.83 12.45 -3.70
CA ILE A 48 30.84 12.53 -2.63
C ILE A 48 31.42 13.18 -1.39
N ASP A 49 32.69 12.88 -1.08
CA ASP A 49 33.35 13.52 0.05
C ASP A 49 33.48 15.02 -0.15
N ASP A 50 33.97 15.43 -1.33
CA ASP A 50 34.10 16.85 -1.63
C ASP A 50 32.78 17.58 -1.44
N ILE A 51 31.68 16.94 -1.84
CA ILE A 51 30.37 17.57 -1.69
C ILE A 51 29.93 17.52 -0.23
N ASP A 52 30.08 16.37 0.42
CA ASP A 52 29.82 16.28 1.85
C ASP A 52 30.59 17.36 2.60
N SER A 53 31.87 17.54 2.24
CA SER A 53 32.64 18.64 2.81
C SER A 53 32.03 19.99 2.45
N MET A 54 31.60 20.15 1.19
CA MET A 54 31.00 21.41 0.77
C MET A 54 29.73 21.71 1.54
N MET A 55 29.05 20.69 2.06
CA MET A 55 27.82 20.89 2.83
C MET A 55 28.01 20.63 4.31
N GLY A 56 29.24 20.75 4.82
CA GLY A 56 29.48 20.58 6.23
C GLY A 56 29.39 19.15 6.71
N PHE A 57 30.12 18.24 6.04
CA PHE A 57 30.19 16.84 6.47
C PHE A 57 31.64 16.39 6.27
N GLU A 58 32.47 16.68 7.26
CA GLU A 58 33.85 16.23 7.28
C GLU A 58 33.93 14.87 7.96
N ARG A 59 34.63 13.93 7.33
CA ARG A 59 34.74 12.59 7.89
C ARG A 59 35.47 12.65 9.23
N TYR A 60 34.74 12.28 10.29
CA TYR A 60 35.23 12.42 11.65
C TYR A 60 35.79 11.09 12.12
N VAL A 61 37.06 11.08 12.46
CA VAL A 61 37.71 9.94 13.10
C VAL A 61 37.83 10.25 14.59
N PRO A 62 37.33 9.39 15.47
CA PRO A 62 37.29 9.72 16.90
C PRO A 62 38.64 9.48 17.56
N PRO A 63 38.85 10.02 18.77
CA PRO A 63 40.11 9.78 19.48
C PRO A 63 40.29 8.32 19.91
N GLN A 64 41.40 8.03 20.58
CA GLN A 64 41.77 6.68 20.98
C GLN A 64 41.46 6.45 22.46
N TYR A 65 41.25 5.17 22.80
CA TYR A 65 40.86 4.80 24.15
C TYR A 65 41.09 3.33 24.43
N ASN A 66 41.71 3.01 25.56
CA ASN A 66 41.93 1.63 26.01
C ASN A 66 41.37 1.50 27.42
N GLY A 67 40.13 1.02 27.53
CA GLY A 67 39.48 0.87 28.83
C GLY A 67 38.10 0.24 28.76
N ARG A 68 37.22 0.64 29.68
CA ARG A 68 35.91 0.00 29.82
C ARG A 68 35.01 0.36 28.64
N PHE A 69 34.57 -0.66 27.90
CA PHE A 69 33.70 -0.48 26.76
C PHE A 69 32.23 -0.31 27.14
N ASP A 70 31.77 -0.91 28.24
CA ASP A 70 30.34 -0.98 28.57
C ASP A 70 29.66 0.35 28.33
N ALA A 71 28.51 0.30 27.64
CA ALA A 71 27.76 1.50 27.30
C ALA A 71 27.39 2.33 28.52
N LYS A 72 27.44 1.73 29.71
CA LYS A 72 27.10 2.44 30.95
C LYS A 72 28.13 3.50 31.28
N ASP A 73 29.20 3.61 30.48
CA ASP A 73 30.27 4.57 30.70
C ASP A 73 30.42 5.52 29.51
N ILE A 74 29.29 5.89 28.90
CA ILE A 74 29.35 6.59 27.60
C ILE A 74 30.01 7.96 27.74
N ASP A 75 29.70 8.69 28.82
CA ASP A 75 30.24 10.04 28.97
C ASP A 75 31.76 10.04 29.10
N GLN A 76 32.32 8.96 29.65
CA GLN A 76 33.77 8.88 29.80
C GLN A 76 34.46 8.57 28.49
N ILE A 77 33.89 7.67 27.69
CA ILE A 77 34.55 7.25 26.44
C ILE A 77 34.67 8.46 25.53
N PRO A 78 35.82 8.67 24.88
CA PRO A 78 35.96 9.85 24.01
C PRO A 78 35.21 9.66 22.71
N GLY A 79 34.70 10.78 22.19
CA GLY A 79 34.03 10.74 20.90
C GLY A 79 33.06 11.91 20.75
N ARG A 80 32.16 11.74 19.80
CA ARG A 80 31.25 12.79 19.37
C ARG A 80 29.86 12.19 19.21
N VAL A 81 28.90 12.69 19.99
CA VAL A 81 27.52 12.20 19.86
C VAL A 81 26.85 12.89 18.68
N GLY A 82 25.78 12.26 18.18
CA GLY A 82 25.08 12.81 17.04
C GLY A 82 23.78 12.09 16.79
N TRP A 83 22.91 12.76 16.01
CA TRP A 83 21.63 12.21 15.59
C TRP A 83 21.78 11.72 14.16
N LEU A 84 21.78 10.40 13.98
CA LEU A 84 22.01 9.82 12.66
C LEU A 84 20.84 10.12 11.73
N THR A 85 21.12 10.86 10.65
CA THR A 85 20.08 11.24 9.70
C THR A 85 20.13 10.45 8.41
N ASN A 86 21.28 9.90 8.03
CA ASN A 86 21.41 9.31 6.72
C ASN A 86 22.65 8.42 6.69
N MET A 87 22.60 7.38 5.85
CA MET A 87 23.73 6.48 5.68
C MET A 87 23.77 6.00 4.24
N HIS A 88 24.97 5.76 3.74
CA HIS A 88 25.18 5.29 2.38
C HIS A 88 26.40 4.38 2.34
N ALA A 89 26.36 3.37 1.47
CA ALA A 89 27.53 2.55 1.23
C ALA A 89 28.56 3.33 0.42
N THR A 90 29.83 2.99 0.60
CA THR A 90 30.90 3.72 -0.08
C THR A 90 32.15 2.84 -0.12
N LEU A 91 33.23 3.41 -0.67
CA LEU A 91 34.51 2.73 -0.77
C LEU A 91 35.61 3.68 -0.33
N VAL A 92 36.44 3.23 0.61
CA VAL A 92 37.53 4.04 1.14
C VAL A 92 38.83 3.30 0.91
N SER A 93 39.94 4.03 0.96
CA SER A 93 41.27 3.45 0.94
C SER A 93 41.88 3.53 2.35
N GLN A 94 43.06 2.92 2.50
CA GLN A 94 43.70 2.73 3.80
C GLN A 94 43.75 4.00 4.63
N GLU A 95 43.68 5.17 4.01
CA GLU A 95 43.58 6.42 4.74
C GLU A 95 42.84 7.47 3.92
N GLN A 117 42.60 -1.73 -4.45
CA GLN A 117 41.14 -1.67 -4.51
C GLN A 117 40.59 -1.10 -3.22
N GLY A 118 39.42 -0.45 -3.31
CA GLY A 118 38.80 0.11 -2.13
C GLY A 118 38.28 -0.95 -1.18
N ILE A 119 38.17 -0.57 0.08
CA ILE A 119 37.64 -1.43 1.14
C ILE A 119 36.24 -0.92 1.49
N SER A 120 35.26 -1.82 1.49
CA SER A 120 33.87 -1.42 1.61
C SER A 120 33.57 -0.87 3.00
N GLY A 121 32.72 0.15 3.04
CA GLY A 121 32.30 0.74 4.29
C GLY A 121 30.99 1.46 4.08
N VAL A 122 30.51 2.12 5.14
CA VAL A 122 29.27 2.88 5.10
C VAL A 122 29.50 4.24 5.74
N ASP A 123 29.17 5.30 5.01
CA ASP A 123 29.18 6.64 5.58
C ASP A 123 27.93 6.83 6.43
N PHE A 124 28.11 7.54 7.56
CA PHE A 124 27.04 7.78 8.53
C PHE A 124 26.98 9.28 8.79
N TYR A 125 25.87 9.89 8.40
CA TYR A 125 25.70 11.34 8.46
C TYR A 125 24.98 11.71 9.75
N PHE A 126 25.57 12.61 10.52
CA PHE A 126 25.10 12.95 11.85
C PHE A 126 24.84 14.45 11.97
N LEU A 127 23.95 14.78 12.90
CA LEU A 127 23.74 16.17 13.32
C LEU A 127 24.04 16.22 14.81
N ASP A 128 25.11 16.93 15.19
CA ASP A 128 25.57 16.90 16.57
C ASP A 128 24.70 17.79 17.45
N GLU A 129 24.96 17.71 18.76
CA GLU A 129 24.18 18.48 19.72
C GLU A 129 24.46 19.98 19.60
N GLU A 130 25.68 20.35 19.23
CA GLU A 130 26.06 21.77 19.16
C GLU A 130 25.70 22.40 17.82
N GLY A 131 24.56 22.05 17.26
CA GLY A 131 24.08 22.69 16.05
C GLY A 131 24.93 22.49 14.82
N GLY A 132 25.80 21.47 14.82
CA GLY A 132 26.67 21.20 13.71
C GLY A 132 26.33 19.89 13.00
N SER A 133 27.10 19.62 11.95
CA SER A 133 26.92 18.44 11.13
C SER A 133 28.27 17.77 10.90
N PHE A 134 28.28 16.44 10.89
CA PHE A 134 29.51 15.71 10.66
C PHE A 134 29.18 14.31 10.14
N LYS A 135 30.13 13.75 9.42
CA LYS A 135 30.06 12.41 8.86
C LYS A 135 31.04 11.49 9.61
N SER A 136 30.72 10.20 9.63
CA SER A 136 31.63 9.21 10.17
C SER A 136 31.43 7.90 9.42
N THR A 137 32.44 7.04 9.45
CA THR A 137 32.45 5.86 8.61
C THR A 137 32.77 4.61 9.42
N VAL A 138 31.96 3.57 9.23
CA VAL A 138 32.25 2.24 9.74
C VAL A 138 32.66 1.38 8.56
N VAL A 139 33.64 0.51 8.77
CA VAL A 139 34.10 -0.44 7.76
C VAL A 139 33.65 -1.83 8.20
N TYR A 140 33.15 -2.60 7.24
CA TYR A 140 32.65 -3.95 7.48
C TYR A 140 32.92 -4.79 6.25
N ASP A 141 33.42 -5.99 6.46
CA ASP A 141 33.78 -6.86 5.35
C ASP A 141 32.53 -7.50 4.75
N PRO A 142 32.25 -7.30 3.47
CA PRO A 142 31.14 -8.02 2.84
C PRO A 142 31.39 -9.52 2.91
N TYR A 143 30.31 -10.28 2.98
CA TYR A 143 30.45 -11.72 3.22
C TYR A 143 29.19 -12.46 2.82
N PHE A 144 29.38 -13.69 2.36
CA PHE A 144 28.29 -14.62 2.18
C PHE A 144 28.81 -16.03 2.44
N PHE A 145 27.90 -16.95 2.68
CA PHE A 145 28.24 -18.30 3.12
C PHE A 145 28.20 -19.30 1.97
N ILE A 146 28.80 -20.46 2.21
CA ILE A 146 28.71 -21.62 1.32
C ILE A 146 28.08 -22.77 2.11
N ALA A 147 27.09 -23.41 1.51
CA ALA A 147 26.48 -24.58 2.11
C ALA A 147 27.14 -25.85 1.59
N CYS A 148 27.04 -26.92 2.38
CA CYS A 148 27.68 -28.19 2.05
C CYS A 148 26.73 -29.35 2.34
N ASN A 149 26.86 -30.40 1.53
CA ASN A 149 25.98 -31.56 1.66
C ASN A 149 26.47 -32.51 2.76
N ASP A 150 27.70 -33.01 2.63
CA ASP A 150 28.33 -33.85 3.64
C ASP A 150 29.16 -32.97 4.56
N GLU A 151 28.66 -32.69 5.76
CA GLU A 151 29.34 -31.81 6.70
C GLU A 151 30.55 -32.47 7.37
N SER A 152 31.00 -33.62 6.85
CA SER A 152 32.25 -34.22 7.31
C SER A 152 33.44 -33.68 6.54
N ARG A 153 33.28 -33.43 5.24
CA ARG A 153 34.35 -32.98 4.37
C ARG A 153 34.39 -31.48 4.21
N VAL A 154 33.94 -30.71 5.22
CA VAL A 154 33.90 -29.26 5.08
C VAL A 154 35.30 -28.69 4.85
N ASN A 155 36.32 -29.32 5.42
CA ASN A 155 37.67 -28.78 5.29
C ASN A 155 38.21 -28.97 3.88
N ASP A 156 37.82 -30.05 3.20
CA ASP A 156 38.21 -30.21 1.80
C ASP A 156 37.63 -29.10 0.95
N VAL A 157 36.37 -28.75 1.18
CA VAL A 157 35.77 -27.59 0.51
C VAL A 157 36.53 -26.33 0.88
N GLU A 158 36.77 -26.13 2.18
CA GLU A 158 37.49 -24.95 2.65
C GLU A 158 38.84 -24.79 1.96
N GLU A 159 39.58 -25.89 1.81
CA GLU A 159 40.86 -25.81 1.11
C GLU A 159 40.66 -25.56 -0.37
N LEU A 160 39.67 -26.19 -0.98
CA LEU A 160 39.41 -26.01 -2.41
C LEU A 160 39.04 -24.56 -2.71
N VAL A 161 38.06 -24.03 -1.99
CA VAL A 161 37.64 -22.66 -2.25
C VAL A 161 38.75 -21.68 -1.92
N LYS A 162 39.64 -22.04 -0.99
CA LYS A 162 40.76 -21.15 -0.67
C LYS A 162 41.68 -20.99 -1.87
N LYS A 163 41.92 -22.08 -2.62
CA LYS A 163 42.80 -22.01 -3.78
C LYS A 163 42.08 -21.53 -5.02
N TYR A 164 40.79 -21.87 -5.16
CA TYR A 164 40.00 -21.42 -6.33
C TYR A 164 39.73 -19.92 -6.21
N LEU A 165 39.17 -19.50 -5.09
CA LEU A 165 38.86 -18.09 -4.89
C LEU A 165 40.05 -17.27 -4.44
N GLU A 166 41.27 -17.79 -4.64
CA GLU A 166 42.48 -17.05 -4.30
C GLU A 166 42.52 -15.69 -4.96
N SER A 167 41.84 -15.53 -6.09
CA SER A 167 41.84 -14.25 -6.80
C SER A 167 41.06 -13.18 -6.04
N CYS A 168 39.95 -13.56 -5.40
CA CYS A 168 39.05 -12.58 -4.80
C CYS A 168 38.84 -12.77 -3.30
N LEU A 169 39.04 -13.97 -2.77
CA LEU A 169 38.79 -14.20 -1.35
C LEU A 169 39.81 -13.48 -0.49
N LYS A 170 39.34 -12.86 0.59
CA LYS A 170 40.23 -12.26 1.57
C LYS A 170 40.41 -13.17 2.79
N SER A 171 39.32 -13.70 3.32
CA SER A 171 39.36 -14.56 4.49
C SER A 171 38.24 -15.59 4.38
N LEU A 172 38.29 -16.56 5.29
CA LEU A 172 37.33 -17.66 5.29
C LEU A 172 37.33 -18.29 6.66
N GLN A 173 36.20 -18.89 7.04
CA GLN A 173 36.07 -19.44 8.38
C GLN A 173 34.80 -20.28 8.44
N ILE A 174 34.87 -21.36 9.21
CA ILE A 174 33.69 -22.18 9.51
C ILE A 174 32.84 -21.47 10.55
N ILE A 175 31.54 -21.33 10.26
CA ILE A 175 30.58 -20.80 11.22
C ILE A 175 29.41 -21.75 11.30
N ARG A 176 28.61 -21.58 12.34
CA ARG A 176 27.36 -22.32 12.50
C ARG A 176 26.20 -21.36 12.65
N LYS A 177 25.06 -21.76 12.09
CA LYS A 177 23.85 -20.97 12.13
C LYS A 177 22.67 -21.91 12.29
N GLU A 178 21.57 -21.38 12.82
CA GLU A 178 20.33 -22.14 12.88
C GLU A 178 19.67 -22.19 11.51
N ASP A 179 19.14 -23.36 11.18
CA ASP A 179 18.49 -23.61 9.89
C ASP A 179 17.12 -24.20 10.19
N LEU A 180 16.08 -23.40 9.97
CA LEU A 180 14.73 -23.85 10.28
C LEU A 180 14.21 -24.90 9.32
N THR A 181 14.96 -25.23 8.27
CA THR A 181 14.59 -26.31 7.37
C THR A 181 15.57 -27.45 7.52
N MET A 182 15.67 -27.99 8.74
CA MET A 182 16.58 -29.08 9.03
C MET A 182 15.98 -29.94 10.13
N ASP A 183 16.18 -31.25 10.02
CA ASP A 183 15.65 -32.17 11.00
C ASP A 183 16.39 -32.02 12.33
N ASN A 184 15.63 -32.02 13.43
CA ASN A 184 16.17 -31.90 14.78
C ASN A 184 16.93 -30.59 14.97
N HIS A 185 16.57 -29.56 14.21
CA HIS A 185 17.15 -28.24 14.43
C HIS A 185 16.60 -27.60 15.68
N LEU A 186 15.45 -28.08 16.18
CA LEU A 186 14.89 -27.55 17.43
C LEU A 186 15.56 -28.17 18.65
N LEU A 187 16.04 -29.41 18.53
CA LEU A 187 16.75 -30.07 19.62
C LEU A 187 18.17 -29.53 19.81
N GLY A 188 18.59 -28.56 18.99
CA GLY A 188 19.87 -27.88 19.17
C GLY A 188 20.87 -28.07 18.04
N LEU A 189 20.51 -28.72 16.94
CA LEU A 189 21.47 -28.95 15.86
C LEU A 189 21.63 -27.69 15.01
N GLN A 190 22.88 -27.34 14.68
CA GLN A 190 23.20 -26.17 13.90
C GLN A 190 23.67 -26.58 12.50
N LYS A 191 23.73 -25.59 11.62
CA LYS A 191 24.13 -25.78 10.23
C LYS A 191 25.54 -25.25 10.01
N THR A 192 26.43 -26.12 9.53
CA THR A 192 27.81 -25.73 9.26
C THR A 192 27.91 -25.03 7.91
N LEU A 193 28.60 -23.88 7.88
CA LEU A 193 28.78 -23.14 6.64
C LEU A 193 30.21 -22.60 6.59
N ILE A 194 30.58 -22.09 5.41
CA ILE A 194 31.88 -21.47 5.20
C ILE A 194 31.62 -19.98 4.95
N LYS A 195 32.08 -19.13 5.87
CA LYS A 195 31.89 -17.69 5.72
C LYS A 195 32.98 -17.14 4.81
N LEU A 196 32.62 -16.84 3.56
CA LEU A 196 33.51 -16.17 2.63
C LEU A 196 33.48 -14.67 2.92
N SER A 197 34.63 -14.11 3.30
CA SER A 197 34.74 -12.68 3.55
C SER A 197 35.61 -12.05 2.47
N PHE A 198 35.28 -10.82 2.09
CA PHE A 198 35.96 -10.13 1.01
C PHE A 198 36.32 -8.71 1.43
N VAL A 199 37.23 -8.12 0.66
CA VAL A 199 37.66 -6.74 0.91
C VAL A 199 36.54 -5.76 0.58
N ASN A 200 35.89 -5.94 -0.58
CA ASN A 200 34.81 -5.06 -1.01
C ASN A 200 33.73 -5.89 -1.71
N SER A 201 32.62 -5.22 -2.01
CA SER A 201 31.50 -5.91 -2.66
C SER A 201 31.84 -6.36 -4.07
N ASN A 202 32.72 -5.62 -4.76
CA ASN A 202 33.12 -6.01 -6.12
C ASN A 202 33.70 -7.42 -6.13
N GLN A 203 34.59 -7.72 -5.17
CA GLN A 203 35.20 -9.04 -5.12
C GLN A 203 34.19 -10.11 -4.70
N LEU A 204 33.22 -9.74 -3.86
CA LEU A 204 32.16 -10.68 -3.51
C LEU A 204 31.40 -11.13 -4.74
N PHE A 205 31.14 -10.21 -5.67
CA PHE A 205 30.46 -10.56 -6.92
C PHE A 205 31.30 -11.52 -7.73
N GLU A 206 32.58 -11.17 -7.95
CA GLU A 206 33.50 -12.02 -8.71
C GLU A 206 33.52 -13.44 -8.17
N ALA A 207 33.37 -13.61 -6.86
CA ALA A 207 33.20 -14.94 -6.29
C ALA A 207 31.93 -15.59 -6.82
N ARG A 208 30.78 -14.97 -6.59
CA ARG A 208 29.51 -15.48 -7.11
C ARG A 208 29.62 -15.82 -8.59
N LYS A 209 30.38 -15.02 -9.36
CA LYS A 209 30.62 -15.34 -10.76
C LYS A 209 31.49 -16.58 -10.92
N LEU A 210 32.39 -16.84 -9.98
CA LEU A 210 33.29 -17.98 -10.08
C LEU A 210 32.75 -19.22 -9.40
N LEU A 211 31.66 -19.09 -8.66
CA LEU A 211 31.04 -20.19 -7.92
C LEU A 211 29.79 -20.72 -8.58
N ARG A 212 28.92 -19.83 -9.08
CA ARG A 212 27.72 -20.22 -9.84
C ARG A 212 28.04 -21.23 -10.93
N PRO A 213 29.14 -21.08 -11.68
CA PRO A 213 29.52 -22.14 -12.64
C PRO A 213 29.58 -23.51 -12.01
N ILE A 214 30.34 -23.66 -10.93
CA ILE A 214 30.31 -24.93 -10.21
C ILE A 214 28.86 -25.34 -9.95
N LEU A 215 28.11 -24.47 -9.26
CA LEU A 215 26.73 -24.79 -8.86
C LEU A 215 25.90 -25.36 -10.02
N GLN A 216 26.08 -24.83 -11.23
CA GLN A 216 25.41 -25.42 -12.39
C GLN A 216 26.01 -26.76 -12.76
N ASP A 217 27.34 -26.91 -12.59
CA ASP A 217 28.00 -28.16 -12.94
C ASP A 217 27.55 -29.31 -12.05
N ASN A 218 27.39 -29.07 -10.75
CA ASN A 218 26.87 -30.13 -9.89
C ASN A 218 25.40 -30.45 -10.13
N ALA A 219 24.71 -29.67 -10.95
CA ALA A 219 23.31 -29.90 -11.27
C ALA A 219 23.11 -30.49 -12.65
N ASN A 220 24.19 -30.72 -13.39
CA ASN A 220 24.10 -31.38 -14.68
C ASN A 220 24.78 -32.73 -14.59
N ASN A 221 24.17 -33.73 -15.27
CA ASN A 221 24.68 -35.09 -15.23
C ASN A 221 26.11 -35.12 -15.74
N ASN A 222 26.95 -35.87 -15.02
CA ASN A 222 28.39 -35.85 -15.28
C ASN A 222 28.72 -36.69 -16.50
N VAL A 223 29.55 -36.14 -17.38
CA VAL A 223 29.84 -36.76 -18.68
C VAL A 223 31.02 -37.69 -18.46
N GLN A 224 30.72 -38.95 -18.13
CA GLN A 224 31.77 -39.95 -17.99
C GLN A 224 32.41 -40.25 -19.34
N ARG A 225 33.69 -40.57 -19.30
CA ARG A 225 34.43 -40.98 -20.49
C ARG A 225 34.68 -42.48 -20.59
N ASN A 226 34.79 -43.16 -19.45
CA ASN A 226 34.93 -44.61 -19.42
C ASN A 226 33.61 -45.22 -18.96
N ILE A 227 33.07 -46.12 -19.77
CA ILE A 227 31.75 -46.68 -19.50
C ILE A 227 31.80 -47.78 -18.45
N TYR A 228 32.94 -48.46 -18.31
CA TYR A 228 32.96 -49.77 -17.67
C TYR A 228 33.31 -49.72 -16.19
N ASN A 229 33.94 -48.65 -15.70
CA ASN A 229 34.31 -48.58 -14.30
C ASN A 229 33.02 -48.83 -13.52
N VAL A 230 33.17 -49.24 -12.27
CA VAL A 230 32.03 -49.54 -11.41
C VAL A 230 32.29 -48.74 -10.15
N LYS A 237 35.02 -42.44 -4.11
CA LYS A 237 35.58 -41.11 -3.97
C LYS A 237 34.74 -40.08 -4.73
N VAL A 238 34.74 -38.84 -4.23
CA VAL A 238 34.07 -37.72 -4.88
C VAL A 238 34.97 -36.50 -4.77
N ASP A 239 34.95 -35.66 -5.81
CA ASP A 239 35.77 -34.47 -5.81
C ASP A 239 35.15 -33.37 -4.95
N ALA A 240 36.00 -32.43 -4.53
CA ALA A 240 35.56 -31.42 -3.55
C ALA A 240 34.55 -30.46 -4.15
N LYS A 241 34.66 -30.17 -5.45
CA LYS A 241 33.68 -29.28 -6.09
C LYS A 241 32.27 -29.82 -5.95
N HIS A 242 32.12 -31.14 -6.01
CA HIS A 242 30.81 -31.78 -5.90
C HIS A 242 30.19 -31.64 -4.53
N LEU A 243 30.88 -31.01 -3.58
CA LEU A 243 30.35 -30.84 -2.24
C LEU A 243 29.69 -29.49 -2.01
N ILE A 244 29.86 -28.54 -2.92
CA ILE A 244 29.22 -27.24 -2.75
C ILE A 244 27.72 -27.41 -2.95
N GLU A 245 26.95 -27.15 -1.89
CA GLU A 245 25.50 -27.31 -1.96
C GLU A 245 24.84 -26.06 -2.55
N ASP A 246 25.26 -24.89 -2.10
CA ASP A 246 24.67 -23.62 -2.50
C ASP A 246 25.49 -22.50 -1.89
N ILE A 247 25.18 -21.27 -2.29
CA ILE A 247 25.65 -20.07 -1.62
C ILE A 247 24.46 -19.42 -0.95
N ARG A 248 24.71 -18.71 0.15
CA ARG A 248 23.62 -18.18 0.95
C ARG A 248 23.97 -16.77 1.41
N GLU A 249 22.92 -16.01 1.73
CA GLU A 249 23.04 -14.62 2.19
C GLU A 249 23.95 -13.80 1.27
N TYR A 250 23.88 -14.10 -0.03
CA TYR A 250 24.73 -13.45 -1.04
C TYR A 250 24.04 -12.26 -1.69
N ASP A 251 22.72 -12.18 -1.63
CA ASP A 251 21.95 -11.11 -2.26
C ASP A 251 21.42 -10.14 -1.22
N VAL A 252 22.26 -9.76 -0.26
CA VAL A 252 21.90 -8.82 0.78
C VAL A 252 22.58 -7.49 0.47
N PRO A 253 21.84 -6.39 0.38
CA PRO A 253 22.49 -5.09 0.17
C PRO A 253 23.51 -4.80 1.25
N TYR A 254 24.69 -4.31 0.83
CA TYR A 254 25.79 -4.15 1.77
C TYR A 254 25.44 -3.15 2.87
N HIS A 255 24.87 -2.01 2.50
CA HIS A 255 24.51 -1.03 3.52
C HIS A 255 23.48 -1.58 4.48
N VAL A 256 22.58 -2.42 3.99
CA VAL A 256 21.64 -3.11 4.87
C VAL A 256 22.38 -4.12 5.74
N ARG A 257 23.33 -4.85 5.15
CA ARG A 257 24.10 -5.84 5.90
C ARG A 257 24.83 -5.19 7.09
N VAL A 258 25.43 -4.03 6.87
CA VAL A 258 26.12 -3.34 7.95
C VAL A 258 25.12 -2.87 9.00
N SER A 259 23.99 -2.31 8.56
CA SER A 259 23.03 -1.75 9.51
C SER A 259 22.45 -2.83 10.42
N ILE A 260 22.25 -4.02 9.87
CA ILE A 260 21.73 -5.12 10.69
C ILE A 260 22.80 -5.66 11.61
N ASP A 261 23.98 -5.95 11.06
CA ASP A 261 25.02 -6.64 11.82
C ASP A 261 25.62 -5.78 12.93
N LYS A 262 25.53 -4.45 12.81
CA LYS A 262 26.04 -3.57 13.84
C LYS A 262 24.93 -2.89 14.64
N ASP A 263 23.67 -3.12 14.27
CA ASP A 263 22.51 -2.59 14.98
C ASP A 263 22.51 -1.07 15.01
N ILE A 264 22.87 -0.47 13.89
CA ILE A 264 22.77 0.98 13.73
C ILE A 264 21.50 1.30 12.95
N ARG A 265 20.76 2.31 13.42
CA ARG A 265 19.53 2.72 12.77
C ARG A 265 19.50 4.23 12.63
N VAL A 266 18.87 4.69 11.54
CA VAL A 266 18.68 6.12 11.31
C VAL A 266 17.60 6.64 12.26
N GLY A 267 17.80 7.87 12.73
CA GLY A 267 16.89 8.46 13.70
C GLY A 267 17.22 8.17 15.14
N LYS A 268 18.29 7.43 15.41
CA LYS A 268 18.74 7.14 16.75
C LYS A 268 19.94 8.02 17.11
N TRP A 269 20.11 8.24 18.41
CA TRP A 269 21.24 9.01 18.91
C TRP A 269 22.41 8.06 19.20
N TYR A 270 23.58 8.39 18.64
CA TYR A 270 24.76 7.55 18.79
C TYR A 270 25.96 8.41 19.17
N LYS A 271 26.84 7.84 19.98
CA LYS A 271 28.18 8.40 20.17
C LYS A 271 29.16 7.63 19.29
N VAL A 272 29.99 8.36 18.58
CA VAL A 272 30.95 7.78 17.64
C VAL A 272 32.29 7.67 18.36
N THR A 273 32.68 6.44 18.67
CA THR A 273 33.91 6.17 19.40
C THR A 273 34.83 5.28 18.56
N GLN A 274 36.10 5.24 18.98
CA GLN A 274 37.08 4.36 18.33
C GLN A 274 36.67 2.90 18.44
N GLN A 275 35.98 2.54 19.52
CA GLN A 275 35.45 1.19 19.64
C GLN A 275 34.31 0.95 18.66
N GLY A 276 33.54 1.98 18.35
CA GLY A 276 32.43 1.85 17.43
C GLY A 276 31.33 2.87 17.70
N PHE A 277 30.08 2.43 17.61
CA PHE A 277 28.92 3.27 17.87
C PHE A 277 28.25 2.82 19.16
N ILE A 278 27.70 3.77 19.90
CA ILE A 278 27.02 3.48 21.16
C ILE A 278 25.73 4.29 21.22
N GLU A 279 24.61 3.61 21.40
CA GLU A 279 23.31 4.27 21.42
C GLU A 279 23.15 5.04 22.72
N ASP A 280 23.14 6.37 22.64
CA ASP A 280 22.86 7.22 23.80
C ASP A 280 21.35 7.22 24.01
N THR A 281 20.86 6.13 24.62
CA THR A 281 19.44 5.99 24.90
C THR A 281 18.92 7.03 25.88
N ARG A 282 19.79 7.84 26.48
CA ARG A 282 19.30 8.93 27.31
C ARG A 282 18.53 9.94 26.49
N LYS A 283 18.99 10.20 25.26
CA LYS A 283 18.30 11.10 24.34
C LYS A 283 17.30 10.29 23.53
N ILE A 284 16.02 10.64 23.66
CA ILE A 284 14.97 9.97 22.92
C ILE A 284 14.35 10.85 21.84
N ALA A 285 14.42 12.17 21.97
CA ALA A 285 13.77 13.07 21.02
C ALA A 285 14.64 13.28 19.80
N PHE A 286 14.01 13.27 18.63
CA PHE A 286 14.73 13.52 17.39
C PHE A 286 15.42 14.87 17.42
N ALA A 287 16.46 15.01 16.61
CA ALA A 287 16.98 16.33 16.32
C ALA A 287 16.04 17.03 15.34
N ASP A 288 16.40 18.24 14.93
CA ASP A 288 15.60 19.01 13.99
C ASP A 288 16.48 19.40 12.82
N PRO A 289 16.49 18.61 11.77
CA PRO A 289 17.31 18.94 10.59
C PRO A 289 16.70 20.09 9.80
N VAL A 290 17.53 20.69 8.95
CA VAL A 290 17.06 21.76 8.08
C VAL A 290 16.21 21.14 6.99
N VAL A 291 14.96 21.59 6.89
CA VAL A 291 13.97 21.00 6.00
C VAL A 291 13.59 22.02 4.95
N MET A 292 13.80 21.67 3.68
CA MET A 292 13.36 22.48 2.57
C MET A 292 12.42 21.67 1.70
N ALA A 293 11.30 22.27 1.32
CA ALA A 293 10.42 21.74 0.29
C ALA A 293 10.32 22.76 -0.83
N PHE A 294 10.30 22.29 -2.07
CA PHE A 294 10.26 23.19 -3.22
C PHE A 294 9.34 22.64 -4.29
N ALA A 295 8.95 23.53 -5.20
CA ALA A 295 8.09 23.18 -6.33
C ALA A 295 8.36 24.17 -7.45
N ILE A 296 8.36 23.67 -8.68
CA ILE A 296 8.69 24.47 -9.85
C ILE A 296 7.42 24.77 -10.65
N ALA A 297 7.53 25.78 -11.50
CA ALA A 297 6.50 26.15 -12.46
C ALA A 297 7.15 26.28 -13.83
N THR A 298 6.51 25.71 -14.84
CA THR A 298 7.12 25.62 -16.17
C THR A 298 6.22 26.25 -17.21
N THR A 299 6.87 26.71 -18.29
CA THR A 299 6.15 27.05 -19.50
C THR A 299 5.75 25.77 -20.21
N LYS A 300 4.67 25.84 -20.99
CA LYS A 300 4.05 24.66 -21.55
C LYS A 300 3.33 25.00 -22.85
N PRO A 301 3.63 24.28 -23.92
CA PRO A 301 2.86 24.40 -25.15
C PRO A 301 1.38 24.32 -24.87
N PRO A 302 0.58 25.12 -25.57
CA PRO A 302 -0.87 25.06 -25.39
C PRO A 302 -1.38 23.68 -25.76
N LEU A 303 -2.17 23.09 -24.86
CA LEU A 303 -2.83 21.81 -25.08
C LEU A 303 -1.83 20.66 -25.15
N LYS A 304 -0.70 20.77 -24.44
CA LYS A 304 0.36 19.78 -24.52
C LYS A 304 1.01 19.68 -23.14
N PHE A 305 2.18 19.00 -23.08
CA PHE A 305 2.90 18.76 -21.84
C PHE A 305 4.24 19.49 -21.85
N PRO A 306 4.73 19.94 -20.68
CA PRO A 306 6.00 20.66 -20.64
C PRO A 306 7.16 19.80 -21.12
N ASP A 307 8.13 20.43 -21.77
CA ASP A 307 9.32 19.74 -22.25
C ASP A 307 10.56 20.52 -21.84
N SER A 308 11.49 19.85 -21.16
CA SER A 308 12.73 20.47 -20.75
C SER A 308 13.61 20.85 -21.94
N ALA A 309 13.34 20.29 -23.12
CA ALA A 309 14.16 20.60 -24.29
C ALA A 309 13.98 22.05 -24.72
N VAL A 310 12.76 22.59 -24.59
CA VAL A 310 12.45 23.94 -25.02
C VAL A 310 11.90 24.80 -23.88
N ASP A 311 10.98 24.24 -23.09
CA ASP A 311 10.27 25.05 -22.11
C ASP A 311 11.20 25.54 -21.00
N GLN A 312 10.83 26.67 -20.41
CA GLN A 312 11.65 27.34 -19.40
C GLN A 312 11.00 27.24 -18.02
N ILE A 313 11.82 27.32 -16.98
CA ILE A 313 11.27 27.48 -15.64
C ILE A 313 10.90 28.95 -15.47
N MET A 314 9.67 29.22 -15.08
CA MET A 314 9.27 30.59 -14.82
C MET A 314 9.35 30.96 -13.35
N MET A 315 8.90 30.04 -12.50
CA MET A 315 8.89 30.33 -11.04
C MET A 315 9.27 29.08 -10.24
N ILE A 316 9.91 29.26 -9.09
CA ILE A 316 10.25 28.16 -8.20
C ILE A 316 9.93 28.61 -6.77
N SER A 317 8.88 28.04 -6.20
CA SER A 317 8.52 28.31 -4.81
C SER A 317 9.14 27.26 -3.90
N TYR A 318 9.53 27.70 -2.70
CA TYR A 318 10.11 26.77 -1.74
C TYR A 318 9.97 27.34 -0.34
N MET A 319 10.08 26.44 0.65
CA MET A 319 9.99 26.79 2.06
C MET A 319 11.12 26.11 2.83
N ILE A 320 11.67 26.81 3.82
CA ILE A 320 12.80 26.31 4.59
C ILE A 320 12.49 26.54 6.07
N ASP A 321 12.03 25.50 6.75
CA ASP A 321 11.77 25.53 8.19
C ASP A 321 10.85 26.69 8.57
N GLY A 322 9.62 26.61 8.06
CA GLY A 322 8.59 27.58 8.34
C GLY A 322 8.65 28.85 7.50
N GLU A 323 9.81 29.20 6.96
CA GLU A 323 9.96 30.42 6.18
C GLU A 323 9.73 30.14 4.71
N GLY A 324 9.08 31.08 4.02
CA GLY A 324 8.65 30.89 2.65
C GLY A 324 9.38 31.82 1.69
N PHE A 325 9.69 31.30 0.50
CA PHE A 325 10.45 32.00 -0.51
C PHE A 325 9.87 31.73 -1.89
N LEU A 326 10.04 32.70 -2.79
CA LEU A 326 9.72 32.53 -4.20
C LEU A 326 10.81 33.19 -5.04
N ILE A 327 11.16 32.55 -6.16
CA ILE A 327 12.09 33.13 -7.11
C ILE A 327 11.43 33.14 -8.48
N THR A 328 11.50 34.28 -9.16
CA THR A 328 10.78 34.50 -10.40
C THR A 328 11.75 34.81 -11.54
N ASN A 329 11.41 34.35 -12.73
CA ASN A 329 12.18 34.63 -13.94
C ASN A 329 11.59 35.86 -14.62
N ARG A 330 12.25 37.01 -14.49
CA ARG A 330 11.67 38.26 -15.05
C ARG A 330 11.55 38.11 -16.57
N GLU A 331 12.36 37.25 -17.18
CA GLU A 331 12.34 37.09 -18.65
C GLU A 331 10.98 36.56 -19.09
N ILE A 332 10.22 35.99 -18.14
CA ILE A 332 8.90 35.39 -18.48
C ILE A 332 7.85 36.07 -17.60
N ILE A 333 8.16 36.23 -16.31
CA ILE A 333 7.22 36.96 -15.41
C ILE A 333 7.45 38.45 -15.59
N SER A 334 6.44 39.17 -16.06
CA SER A 334 6.58 40.63 -16.32
C SER A 334 6.53 41.63 -15.16
N GLU A 335 5.46 41.57 -14.37
CA GLU A 335 5.30 42.52 -13.24
C GLU A 335 6.21 41.87 -12.20
N ASP A 336 7.04 42.66 -11.53
CA ASP A 336 7.92 42.11 -10.47
C ASP A 336 7.04 41.75 -9.27
N ILE A 337 7.42 40.69 -8.55
CA ILE A 337 6.64 40.19 -7.43
C ILE A 337 7.31 40.60 -6.14
N GLU A 338 6.51 40.80 -5.09
CA GLU A 338 6.99 41.32 -3.82
C GLU A 338 6.41 40.53 -2.67
N ASP A 339 6.96 40.76 -1.48
CA ASP A 339 6.62 39.97 -0.30
C ASP A 339 5.14 40.02 0.01
N PHE A 340 4.57 38.85 0.29
CA PHE A 340 3.16 38.70 0.63
C PHE A 340 3.04 37.50 1.57
N GLU A 341 1.81 37.10 1.87
CA GLU A 341 1.57 36.06 2.86
C GLU A 341 0.44 35.13 2.43
N TYR A 342 0.65 33.83 2.64
CA TYR A 342 -0.32 32.78 2.38
C TYR A 342 -0.33 31.87 3.59
N THR A 343 -1.19 32.18 4.54
CA THR A 343 -1.41 31.29 5.67
C THR A 343 -2.73 30.57 5.49
N PRO A 344 -2.75 29.41 4.81
CA PRO A 344 -4.03 28.77 4.49
C PRO A 344 -4.89 28.54 5.72
N LYS A 345 -4.26 28.16 6.83
CA LYS A 345 -4.89 27.98 8.13
C LYS A 345 -3.87 28.36 9.20
N PRO A 346 -4.32 28.70 10.42
CA PRO A 346 -3.36 29.15 11.44
C PRO A 346 -2.23 28.16 11.67
N GLU A 347 -2.53 26.87 11.65
CA GLU A 347 -1.52 25.84 11.84
C GLU A 347 -0.46 25.84 10.75
N TYR A 348 -0.73 26.48 9.61
CA TYR A 348 0.17 26.45 8.46
C TYR A 348 0.61 27.87 8.13
N PRO A 349 1.53 28.44 8.91
CA PRO A 349 2.02 29.79 8.60
C PRO A 349 2.94 29.78 7.39
N GLY A 350 2.87 30.85 6.61
CA GLY A 350 3.69 30.91 5.41
C GLY A 350 3.89 32.30 4.83
N PHE A 351 4.75 33.10 5.44
CA PHE A 351 5.16 34.36 4.86
C PHE A 351 6.22 34.11 3.79
N PHE A 352 6.22 34.94 2.75
CA PHE A 352 7.06 34.69 1.58
C PHE A 352 7.82 35.93 1.17
N THR A 353 9.14 35.81 1.10
CA THR A 353 10.02 36.78 0.45
C THR A 353 10.32 36.30 -0.96
N ILE A 354 10.56 37.24 -1.87
CA ILE A 354 10.67 36.93 -3.29
C ILE A 354 11.97 37.50 -3.84
N PHE A 355 12.64 36.71 -4.69
CA PHE A 355 13.76 37.17 -5.49
C PHE A 355 13.34 37.17 -6.94
N ASN A 356 13.57 38.28 -7.63
CA ASN A 356 13.13 38.45 -9.01
C ASN A 356 14.35 38.44 -9.93
N GLU A 357 14.92 37.25 -10.11
CA GLU A 357 16.10 37.10 -10.97
C GLU A 357 15.74 37.40 -12.42
N ASN A 358 16.75 37.83 -13.18
CA ASN A 358 16.53 38.35 -14.52
C ASN A 358 16.21 37.24 -15.52
N ASP A 359 17.14 36.29 -15.70
CA ASP A 359 16.99 35.23 -16.69
C ASP A 359 16.94 33.87 -16.01
N GLU A 360 16.61 32.85 -16.81
CA GLU A 360 16.36 31.52 -16.27
C GLU A 360 17.60 30.92 -15.62
N VAL A 361 18.79 31.24 -16.14
CA VAL A 361 20.00 30.70 -15.51
C VAL A 361 20.26 31.38 -14.17
N ALA A 362 19.87 32.66 -14.03
CA ALA A 362 19.98 33.30 -12.72
C ALA A 362 18.99 32.72 -11.73
N LEU A 363 17.89 32.17 -12.23
CA LEU A 363 16.96 31.44 -11.37
C LEU A 363 17.62 30.17 -10.84
N LEU A 364 18.16 29.35 -11.75
CA LEU A 364 18.84 28.13 -11.34
C LEU A 364 20.04 28.44 -10.46
N GLN A 365 20.77 29.51 -10.77
CA GLN A 365 21.92 29.89 -9.96
C GLN A 365 21.50 30.37 -8.58
N ARG A 366 20.46 31.20 -8.50
CA ARG A 366 19.94 31.62 -7.21
C ARG A 366 19.46 30.41 -6.41
N PHE A 367 18.90 29.41 -7.09
CA PHE A 367 18.44 28.19 -6.41
C PHE A 367 19.62 27.46 -5.78
N PHE A 368 20.61 27.11 -6.60
CA PHE A 368 21.75 26.34 -6.10
C PHE A 368 22.51 27.11 -5.02
N GLU A 369 22.58 28.43 -5.17
CA GLU A 369 23.32 29.25 -4.19
C GLU A 369 22.63 29.10 -2.83
N HIS A 370 21.31 29.17 -2.82
CA HIS A 370 20.60 29.13 -1.55
C HIS A 370 20.68 27.75 -0.91
N ILE A 371 20.68 26.68 -1.73
CA ILE A 371 20.82 25.34 -1.20
C ILE A 371 22.09 25.21 -0.39
N ARG A 372 23.22 25.63 -0.98
CA ARG A 372 24.50 25.58 -0.28
C ARG A 372 24.49 26.42 0.98
N ASP A 373 23.69 27.49 1.01
CA ASP A 373 23.67 28.37 2.17
C ASP A 373 23.08 27.67 3.38
N VAL A 374 21.83 27.21 3.28
CA VAL A 374 21.12 26.68 4.45
C VAL A 374 21.57 25.29 4.85
N ARG A 375 22.31 24.59 3.99
CA ARG A 375 22.80 23.24 4.26
C ARG A 375 21.65 22.31 4.66
N PRO A 376 20.81 21.90 3.70
CA PRO A 376 19.64 21.08 4.04
C PRO A 376 19.92 19.58 3.99
N THR A 377 19.55 18.87 5.04
CA THR A 377 19.67 17.42 5.08
C THR A 377 18.41 16.72 4.60
N VAL A 378 17.36 17.47 4.28
CA VAL A 378 16.11 16.92 3.76
C VAL A 378 15.54 17.89 2.74
N ILE A 379 15.26 17.40 1.53
CA ILE A 379 14.62 18.18 0.48
C ILE A 379 13.36 17.44 0.08
N SER A 380 12.21 18.09 0.26
CA SER A 380 10.91 17.46 0.02
C SER A 380 10.28 18.06 -1.24
N THR A 381 9.60 17.20 -2.00
CA THR A 381 8.91 17.59 -3.21
C THR A 381 7.57 16.87 -3.27
N PHE A 382 6.83 17.14 -4.34
CA PHE A 382 5.66 16.34 -4.71
C PHE A 382 5.91 15.86 -6.13
N ASN A 383 6.24 14.58 -6.27
CA ASN A 383 6.59 13.97 -7.56
C ASN A 383 7.81 14.63 -8.19
N GLY A 384 8.71 15.16 -7.35
CA GLY A 384 9.93 15.74 -7.87
C GLY A 384 10.83 14.74 -8.57
N ASP A 385 10.69 13.46 -8.25
CA ASP A 385 11.59 12.46 -8.81
C ASP A 385 11.42 12.30 -10.31
N PHE A 386 10.25 12.65 -10.85
CA PHE A 386 10.00 12.45 -12.27
C PHE A 386 9.44 13.68 -12.98
N PHE A 387 9.28 14.81 -12.29
CA PHE A 387 9.01 16.04 -13.02
C PHE A 387 9.94 17.17 -12.60
N ASP A 388 9.91 17.55 -11.32
CA ASP A 388 10.65 18.73 -10.88
C ASP A 388 12.16 18.56 -11.11
N TRP A 389 12.74 17.50 -10.53
CA TRP A 389 14.19 17.32 -10.64
C TRP A 389 14.65 17.11 -12.08
N PRO A 390 14.08 16.20 -12.88
CA PRO A 390 14.59 16.02 -14.25
C PRO A 390 14.47 17.27 -15.10
N PHE A 391 13.51 18.14 -14.79
CA PHE A 391 13.38 19.40 -15.49
C PHE A 391 14.53 20.34 -15.13
N ILE A 392 14.77 20.53 -13.83
CA ILE A 392 15.88 21.39 -13.39
C ILE A 392 17.22 20.85 -13.88
N HIS A 393 17.33 19.53 -14.02
CA HIS A 393 18.59 18.95 -14.49
C HIS A 393 18.86 19.33 -15.94
N ASN A 394 17.88 19.10 -16.83
CA ASN A 394 18.09 19.40 -18.23
C ASN A 394 18.30 20.89 -18.45
N ARG A 395 17.52 21.72 -17.76
CA ARG A 395 17.66 23.17 -17.92
C ARG A 395 19.01 23.64 -17.40
N SER A 396 19.57 22.95 -16.40
CA SER A 396 20.94 23.23 -16.01
C SER A 396 21.92 22.69 -17.06
N LYS A 397 21.62 21.54 -17.64
CA LYS A 397 22.49 20.98 -18.66
C LYS A 397 22.54 21.86 -19.90
N ILE A 398 21.37 22.32 -20.36
CA ILE A 398 21.30 23.16 -21.55
C ILE A 398 21.94 24.53 -21.33
N HIS A 399 22.21 24.90 -20.08
CA HIS A 399 23.02 26.06 -19.76
C HIS A 399 24.41 25.69 -19.28
N GLY A 400 24.86 24.48 -19.59
CA GLY A 400 26.21 24.04 -19.23
C GLY A 400 26.46 24.04 -17.74
N LEU A 401 25.47 23.61 -16.96
CA LEU A 401 25.56 23.61 -15.49
C LEU A 401 25.43 22.18 -15.01
N ASP A 402 26.43 21.71 -14.27
CA ASP A 402 26.42 20.36 -13.69
C ASP A 402 25.78 20.44 -12.32
N MET A 403 24.54 19.98 -12.21
CA MET A 403 23.84 19.99 -10.93
C MET A 403 24.55 19.15 -9.89
N PHE A 404 25.22 18.08 -10.34
CA PHE A 404 26.05 17.32 -9.38
C PHE A 404 27.10 18.29 -8.84
N ASP A 405 27.84 18.96 -9.75
CA ASP A 405 28.88 19.88 -9.30
C ASP A 405 28.31 20.97 -8.41
N GLU A 406 27.06 21.36 -8.62
CA GLU A 406 26.47 22.50 -7.93
C GLU A 406 25.90 22.11 -6.56
N ILE A 407 24.98 21.17 -6.51
CA ILE A 407 24.33 20.81 -5.25
C ILE A 407 24.36 19.31 -5.01
N GLY A 408 25.21 18.60 -5.75
CA GLY A 408 25.42 17.19 -5.46
C GLY A 408 24.24 16.28 -5.65
N PHE A 409 23.30 16.64 -6.51
CA PHE A 409 22.17 15.77 -6.83
C PHE A 409 22.37 15.17 -8.22
N ALA A 410 21.87 13.95 -8.39
CA ALA A 410 22.02 13.21 -9.63
C ALA A 410 21.02 12.07 -9.64
N PRO A 411 20.69 11.52 -10.81
CA PRO A 411 19.80 10.35 -10.85
C PRO A 411 20.55 9.06 -10.55
N ASP A 412 19.91 8.19 -9.77
CA ASP A 412 20.47 6.88 -9.45
C ASP A 412 20.04 5.87 -10.52
N ALA A 413 20.28 4.58 -10.26
CA ALA A 413 19.99 3.56 -11.26
C ALA A 413 18.50 3.36 -11.52
N GLU A 414 17.63 4.09 -10.82
CA GLU A 414 16.20 4.01 -11.05
C GLU A 414 15.64 5.27 -11.70
N GLY A 415 16.47 6.26 -11.99
CA GLY A 415 15.99 7.50 -12.55
C GLY A 415 15.46 8.49 -11.54
N GLU A 416 15.62 8.20 -10.24
CA GLU A 416 15.19 9.09 -9.18
C GLU A 416 16.38 9.93 -8.71
N TYR A 417 16.08 11.11 -8.17
CA TYR A 417 17.11 12.10 -7.86
C TYR A 417 17.41 12.07 -6.36
N LYS A 418 18.61 11.58 -6.02
CA LYS A 418 19.08 11.48 -4.65
C LYS A 418 20.39 12.24 -4.50
N SER A 419 20.79 12.43 -3.24
CA SER A 419 22.07 13.02 -2.92
C SER A 419 22.62 12.37 -1.66
N SER A 420 23.93 12.52 -1.47
CA SER A 420 24.59 11.94 -0.30
C SER A 420 24.17 12.66 0.97
N TYR A 421 24.46 13.96 1.05
CA TYR A 421 24.22 14.72 2.28
C TYR A 421 22.74 14.94 2.56
N CYS A 422 21.87 14.86 1.55
CA CYS A 422 20.47 15.22 1.70
C CYS A 422 19.58 14.09 1.19
N SER A 423 18.54 13.79 1.96
CA SER A 423 17.55 12.81 1.56
C SER A 423 16.43 13.51 0.80
N HIS A 424 16.03 12.92 -0.33
CA HIS A 424 14.97 13.47 -1.16
C HIS A 424 13.66 12.80 -0.76
N MET A 425 12.81 13.54 -0.06
CA MET A 425 11.53 13.02 0.45
C MET A 425 10.43 13.44 -0.52
N ASP A 426 10.20 12.61 -1.52
CA ASP A 426 9.10 12.78 -2.48
C ASP A 426 7.81 12.41 -1.78
N CYS A 427 7.02 13.42 -1.37
CA CYS A 427 5.79 13.16 -0.62
C CYS A 427 4.83 12.27 -1.40
N PHE A 428 4.91 12.30 -2.73
CA PHE A 428 4.04 11.46 -3.53
C PHE A 428 4.22 9.99 -3.16
N ARG A 429 5.48 9.56 -2.98
CA ARG A 429 5.75 8.17 -2.60
C ARG A 429 4.99 7.77 -1.34
N TRP A 430 4.94 8.68 -0.36
CA TRP A 430 4.18 8.40 0.85
C TRP A 430 2.69 8.30 0.54
N VAL A 431 2.17 9.23 -0.28
CA VAL A 431 0.75 9.23 -0.61
C VAL A 431 0.35 7.92 -1.29
N LYS A 432 1.16 7.48 -2.26
CA LYS A 432 0.86 6.22 -2.95
C LYS A 432 0.85 5.04 -1.97
N ARG A 433 1.82 5.00 -1.05
CA ARG A 433 2.02 3.81 -0.23
C ARG A 433 1.27 3.86 1.09
N ASP A 434 1.35 4.98 1.81
CA ASP A 434 0.99 4.99 3.22
C ASP A 434 -0.19 5.87 3.57
N SER A 435 -0.59 6.81 2.71
CA SER A 435 -1.68 7.72 3.05
C SER A 435 -3.04 7.03 3.12
N TYR A 436 -3.15 5.79 2.62
CA TYR A 436 -4.43 5.08 2.58
C TYR A 436 -5.49 5.85 1.81
N LEU A 437 -5.07 6.59 0.79
CA LEU A 437 -5.97 7.40 -0.04
C LEU A 437 -6.19 6.72 -1.39
N PRO A 438 -7.39 6.81 -1.94
CA PRO A 438 -7.65 6.25 -3.28
C PRO A 438 -6.91 7.02 -4.35
N GLN A 439 -6.65 6.34 -5.46
CA GLN A 439 -5.91 6.96 -6.56
C GLN A 439 -6.60 8.19 -7.11
N GLY A 440 -7.92 8.29 -6.97
CA GLY A 440 -8.68 9.47 -7.32
C GLY A 440 -8.55 10.59 -6.32
N SER A 441 -7.61 10.48 -5.37
CA SER A 441 -7.35 11.54 -4.42
C SER A 441 -5.87 11.72 -4.14
N GLN A 442 -4.99 11.03 -4.87
CA GLN A 442 -3.55 11.12 -4.70
C GLN A 442 -2.94 12.31 -5.45
N GLY A 443 -3.74 13.27 -5.87
CA GLY A 443 -3.21 14.50 -6.39
C GLY A 443 -3.03 15.53 -5.29
N LEU A 444 -2.13 16.49 -5.53
CA LEU A 444 -1.74 17.42 -4.49
C LEU A 444 -2.94 18.12 -3.87
N LYS A 445 -3.93 18.48 -4.71
CA LYS A 445 -5.09 19.19 -4.22
C LYS A 445 -5.87 18.35 -3.20
N ALA A 446 -6.19 17.12 -3.55
CA ALA A 446 -6.96 16.26 -2.65
C ALA A 446 -6.17 15.92 -1.39
N VAL A 447 -4.88 15.62 -1.52
CA VAL A 447 -4.09 15.33 -0.32
C VAL A 447 -4.03 16.56 0.58
N THR A 448 -3.97 17.74 -0.02
CA THR A 448 -3.97 18.96 0.78
C THR A 448 -5.29 19.11 1.53
N GLN A 449 -6.39 18.73 0.89
CA GLN A 449 -7.71 18.82 1.52
C GLN A 449 -7.91 17.72 2.56
N SER A 450 -7.55 16.48 2.22
CA SER A 450 -7.85 15.37 3.11
C SER A 450 -6.98 15.41 4.36
N LYS A 451 -5.69 15.71 4.19
CA LYS A 451 -4.73 15.66 5.29
C LYS A 451 -4.53 17.02 5.96
N LEU A 452 -4.18 18.05 5.18
CA LEU A 452 -3.95 19.36 5.78
C LEU A 452 -5.26 20.04 6.15
N GLY A 453 -6.32 19.80 5.38
CA GLY A 453 -7.65 20.28 5.72
C GLY A 453 -8.06 21.59 5.11
N TYR A 454 -7.36 22.08 4.09
CA TYR A 454 -7.67 23.36 3.47
C TYR A 454 -7.69 23.21 1.95
N ASN A 455 -8.62 23.90 1.31
CA ASN A 455 -8.72 23.84 -0.15
C ASN A 455 -7.64 24.71 -0.76
N PRO A 456 -6.69 24.11 -1.48
CA PRO A 456 -5.55 24.89 -1.98
C PRO A 456 -5.94 25.74 -3.19
N ILE A 457 -5.04 26.66 -3.54
CA ILE A 457 -5.25 27.44 -4.74
C ILE A 457 -5.16 26.55 -5.97
N GLU A 458 -6.04 26.77 -6.93
CA GLU A 458 -6.08 26.03 -8.16
C GLU A 458 -5.93 26.97 -9.35
N LEU A 459 -5.25 26.48 -10.40
CA LEU A 459 -5.06 27.27 -11.62
C LEU A 459 -4.95 26.29 -12.78
N ASP A 460 -5.75 26.54 -13.82
CA ASP A 460 -5.79 25.65 -14.97
C ASP A 460 -4.45 25.66 -15.68
N PRO A 461 -3.84 24.50 -15.92
CA PRO A 461 -2.50 24.46 -16.52
C PRO A 461 -2.40 25.20 -17.84
N GLU A 462 -3.47 25.24 -18.64
CA GLU A 462 -3.43 25.98 -19.89
C GLU A 462 -3.31 27.49 -19.67
N LEU A 463 -3.62 27.96 -18.46
CA LEU A 463 -3.57 29.38 -18.14
C LEU A 463 -2.41 29.73 -17.23
N MET A 464 -1.38 28.87 -17.14
CA MET A 464 -0.21 29.20 -16.35
C MET A 464 0.85 29.91 -17.18
N THR A 465 0.96 29.51 -18.45
CA THR A 465 1.91 30.16 -19.38
C THR A 465 1.47 31.61 -19.62
N PRO A 466 0.21 31.92 -19.99
CA PRO A 466 -0.16 33.31 -20.29
C PRO A 466 -0.23 34.19 -19.06
N TYR A 467 -0.59 33.63 -17.90
CA TYR A 467 -0.65 34.42 -16.68
C TYR A 467 0.71 34.96 -16.28
N ALA A 468 1.78 34.53 -16.93
CA ALA A 468 3.06 35.23 -16.77
C ALA A 468 2.90 36.70 -17.17
N PHE A 469 2.25 36.96 -18.30
CA PHE A 469 1.94 38.33 -18.67
C PHE A 469 0.70 38.83 -17.94
N GLU A 470 -0.42 38.12 -18.13
CA GLU A 470 -1.72 38.68 -17.81
C GLU A 470 -1.90 38.87 -16.30
N LYS A 471 -1.86 37.77 -15.55
CA LYS A 471 -2.09 37.78 -14.11
C LYS A 471 -0.90 37.17 -13.40
N PRO A 472 0.20 37.91 -13.27
CA PRO A 472 1.39 37.35 -12.63
C PRO A 472 1.23 37.18 -11.14
N GLN A 473 0.42 38.01 -10.49
CA GLN A 473 0.15 37.83 -9.07
C GLN A 473 -0.57 36.50 -8.83
N HIS A 474 -1.68 36.28 -9.54
CA HIS A 474 -2.42 35.02 -9.43
C HIS A 474 -1.53 33.81 -9.62
N LEU A 475 -0.50 33.94 -10.47
CA LEU A 475 0.45 32.85 -10.65
C LEU A 475 1.33 32.67 -9.42
N SER A 476 1.81 33.77 -8.84
CA SER A 476 2.70 33.69 -7.70
C SER A 476 2.02 33.06 -6.49
N GLU A 477 0.73 33.36 -6.30
CA GLU A 477 0.01 32.73 -5.20
C GLU A 477 -0.16 31.23 -5.43
N TYR A 478 -0.43 30.81 -6.67
CA TYR A 478 -0.59 29.39 -6.93
C TYR A 478 0.71 28.63 -6.73
N SER A 479 1.83 29.24 -7.11
CA SER A 479 3.11 28.56 -6.95
C SER A 479 3.49 28.41 -5.49
N VAL A 480 3.31 29.47 -4.70
CA VAL A 480 3.53 29.34 -3.26
C VAL A 480 2.47 28.47 -2.62
N SER A 481 1.29 28.36 -3.23
CA SER A 481 0.30 27.39 -2.76
C SER A 481 0.86 25.98 -2.82
N ASP A 482 1.51 25.63 -3.94
CA ASP A 482 2.13 24.31 -4.06
C ASP A 482 3.19 24.09 -3.00
N ALA A 483 3.97 25.14 -2.68
CA ALA A 483 5.03 24.99 -1.71
C ALA A 483 4.47 24.77 -0.31
N VAL A 484 3.59 25.67 0.14
CA VAL A 484 3.03 25.59 1.49
C VAL A 484 2.43 24.21 1.74
N ALA A 485 1.63 23.73 0.79
CA ALA A 485 1.02 22.41 0.94
C ALA A 485 2.06 21.30 0.97
N THR A 486 3.16 21.47 0.23
CA THR A 486 4.16 20.41 0.18
C THR A 486 4.96 20.35 1.48
N TYR A 487 5.44 21.50 1.96
CA TYR A 487 6.25 21.52 3.18
C TYR A 487 5.43 21.05 4.38
N TYR A 488 4.26 21.64 4.59
CA TYR A 488 3.48 21.31 5.77
C TYR A 488 2.86 19.93 5.68
N LEU A 489 2.72 19.38 4.47
CA LEU A 489 2.39 17.96 4.36
C LEU A 489 3.56 17.12 4.86
N TYR A 490 4.78 17.46 4.44
CA TYR A 490 5.94 16.68 4.85
C TYR A 490 6.13 16.72 6.36
N MET A 491 6.09 17.93 6.94
CA MET A 491 6.46 18.08 8.34
C MET A 491 5.42 17.47 9.28
N LYS A 492 4.14 17.65 8.96
CA LYS A 492 3.09 17.16 9.85
C LYS A 492 2.85 15.66 9.69
N TYR A 493 3.17 15.10 8.52
CA TYR A 493 2.80 13.72 8.21
C TYR A 493 4.01 12.85 7.87
N VAL A 494 4.79 13.22 6.86
CA VAL A 494 5.78 12.29 6.34
C VAL A 494 6.98 12.18 7.27
N HIS A 495 7.58 13.32 7.61
CA HIS A 495 8.82 13.32 8.36
C HIS A 495 8.76 12.54 9.67
N PRO A 496 7.74 12.68 10.53
CA PRO A 496 7.69 11.80 11.71
C PRO A 496 7.58 10.34 11.35
N PHE A 497 6.67 9.98 10.43
CA PHE A 497 6.45 8.57 10.11
C PHE A 497 7.69 7.94 9.51
N ILE A 498 8.39 8.66 8.63
CA ILE A 498 9.51 8.06 7.92
C ILE A 498 10.73 7.92 8.82
N PHE A 499 11.09 8.99 9.54
CA PHE A 499 12.30 8.94 10.37
C PHE A 499 12.11 8.02 11.57
N SER A 500 10.90 7.91 12.09
CA SER A 500 10.64 6.96 13.18
C SER A 500 10.67 5.53 12.67
N LEU A 501 10.14 5.29 11.47
CA LEU A 501 10.23 3.96 10.88
C LEU A 501 11.69 3.58 10.63
N CYS A 502 12.56 4.58 10.45
CA CYS A 502 13.97 4.33 10.20
C CYS A 502 14.71 3.82 11.43
N THR A 503 14.14 4.03 12.63
CA THR A 503 14.77 3.57 13.85
C THR A 503 14.63 2.07 14.05
N ILE A 504 13.72 1.42 13.34
CA ILE A 504 13.58 -0.04 13.41
C ILE A 504 13.84 -0.73 12.09
N ILE A 505 13.98 -0.01 10.98
CA ILE A 505 14.20 -0.61 9.67
C ILE A 505 15.61 -0.28 9.23
N PRO A 506 16.43 -1.28 8.86
CA PRO A 506 17.83 -1.01 8.53
C PRO A 506 18.03 -0.31 7.19
N LEU A 507 17.30 0.78 6.97
CA LEU A 507 17.39 1.53 5.73
C LEU A 507 17.46 3.02 6.05
N ASN A 508 18.08 3.77 5.16
CA ASN A 508 18.10 5.22 5.28
C ASN A 508 16.75 5.80 4.89
N PRO A 509 16.48 7.06 5.24
CA PRO A 509 15.16 7.65 4.90
C PRO A 509 14.79 7.54 3.44
N ASP A 510 15.73 7.78 2.51
CA ASP A 510 15.42 7.73 1.09
C ASP A 510 14.76 6.40 0.71
N GLU A 511 15.24 5.29 1.26
CA GLU A 511 14.71 3.98 0.91
C GLU A 511 13.54 3.56 1.79
N THR A 512 13.51 4.02 3.04
CA THR A 512 12.36 3.72 3.90
C THR A 512 11.08 4.27 3.29
N LEU A 513 11.17 5.38 2.57
CA LEU A 513 9.98 6.02 2.02
C LEU A 513 9.51 5.34 0.75
N ARG A 514 10.44 4.86 -0.08
CA ARG A 514 10.13 4.41 -1.44
C ARG A 514 9.93 2.91 -1.58
N LYS A 515 10.61 2.09 -0.77
CA LYS A 515 10.60 0.65 -0.98
C LYS A 515 9.20 0.08 -0.79
N GLY A 516 8.93 -1.04 -1.48
CA GLY A 516 7.66 -1.73 -1.31
C GLY A 516 7.47 -2.19 0.13
N THR A 517 6.20 -2.23 0.55
CA THR A 517 5.90 -2.66 1.90
C THR A 517 6.37 -4.09 2.14
N GLY A 518 6.27 -4.93 1.12
CA GLY A 518 6.79 -6.28 1.26
C GLY A 518 8.28 -6.29 1.53
N THR A 519 9.02 -5.39 0.89
CA THR A 519 10.45 -5.30 1.14
C THR A 519 10.72 -4.81 2.56
N LEU A 520 9.90 -3.89 3.06
CA LEU A 520 10.04 -3.46 4.45
C LEU A 520 9.89 -4.65 5.41
N CYS A 521 8.79 -5.41 5.26
CA CYS A 521 8.59 -6.61 6.06
C CYS A 521 9.80 -7.52 5.98
N GLU A 522 10.35 -7.70 4.79
CA GLU A 522 11.56 -8.49 4.64
C GLU A 522 12.66 -8.00 5.58
N MET A 523 13.00 -6.71 5.50
CA MET A 523 14.07 -6.15 6.33
C MET A 523 13.84 -6.45 7.81
N LEU A 524 12.68 -6.03 8.33
CA LEU A 524 12.31 -6.34 9.70
C LEU A 524 12.55 -7.81 10.02
N LEU A 525 12.12 -8.70 9.13
CA LEU A 525 12.31 -10.14 9.37
C LEU A 525 13.78 -10.53 9.27
N MET A 526 14.52 -9.89 8.37
CA MET A 526 15.95 -10.18 8.27
C MET A 526 16.66 -9.84 9.57
N VAL A 527 16.26 -8.74 10.22
CA VAL A 527 16.89 -8.34 11.48
C VAL A 527 16.66 -9.41 12.55
N GLN A 528 15.43 -9.91 12.66
CA GLN A 528 15.15 -10.96 13.63
C GLN A 528 15.93 -12.23 13.30
N ALA A 529 15.78 -12.73 12.06
CA ALA A 529 16.45 -13.96 11.67
C ALA A 529 17.94 -13.91 11.96
N TYR A 530 18.55 -12.74 11.79
CA TYR A 530 19.98 -12.61 12.08
C TYR A 530 20.22 -12.63 13.58
N GLN A 531 19.49 -11.80 14.31
CA GLN A 531 19.69 -11.69 15.74
C GLN A 531 19.41 -13.01 16.46
N HIS A 532 18.68 -13.93 15.84
CA HIS A 532 18.47 -15.26 16.38
C HIS A 532 19.40 -16.28 15.73
N ASN A 533 20.44 -15.82 15.03
CA ASN A 533 21.41 -16.69 14.36
C ASN A 533 20.71 -17.69 13.43
N ILE A 534 19.64 -17.23 12.76
CA ILE A 534 18.92 -18.05 11.79
C ILE A 534 19.45 -17.76 10.40
N LEU A 535 19.83 -18.81 9.68
CA LEU A 535 20.33 -18.65 8.32
C LEU A 535 19.20 -18.20 7.41
N LEU A 536 19.50 -17.24 6.55
CA LEU A 536 18.49 -16.68 5.66
C LEU A 536 18.20 -17.65 4.52
N PRO A 537 16.94 -17.97 4.27
CA PRO A 537 16.61 -18.69 3.03
C PRO A 537 16.77 -17.77 1.84
N ASN A 538 17.16 -18.34 0.72
CA ASN A 538 17.32 -17.55 -0.50
C ASN A 538 15.96 -17.17 -1.07
N LYS A 539 15.97 -16.17 -1.96
CA LYS A 539 14.73 -15.67 -2.54
C LYS A 539 14.03 -16.75 -3.35
N HIS A 540 12.70 -16.81 -3.23
CA HIS A 540 11.92 -17.85 -3.88
C HIS A 540 11.91 -17.66 -5.39
N THR A 541 11.75 -18.77 -6.10
CA THR A 541 11.63 -18.77 -7.55
C THR A 541 10.53 -19.73 -7.97
N ASP A 542 9.72 -19.31 -8.93
CA ASP A 542 8.59 -20.06 -9.47
C ASP A 542 9.05 -20.90 -10.66
N PRO A 543 8.58 -22.13 -10.80
CA PRO A 543 8.88 -22.89 -12.03
C PRO A 543 8.17 -22.27 -13.23
N ILE A 544 8.81 -22.41 -14.39
CA ILE A 544 8.29 -21.81 -15.61
C ILE A 544 6.99 -22.49 -16.02
N GLU A 545 6.89 -23.81 -15.83
CA GLU A 545 5.66 -24.56 -16.01
C GLU A 545 5.33 -25.32 -14.73
N ARG A 546 4.08 -25.79 -14.65
CA ARG A 546 3.57 -26.49 -13.49
C ARG A 546 2.28 -27.19 -13.91
N PHE A 547 2.11 -28.43 -13.48
CA PHE A 547 1.05 -29.29 -13.99
C PHE A 547 0.20 -29.83 -12.86
N TYR A 548 -1.00 -30.27 -13.22
CA TYR A 548 -1.96 -30.81 -12.26
C TYR A 548 -2.89 -31.76 -12.99
N ASP A 549 -2.96 -33.01 -12.53
CA ASP A 549 -3.78 -34.05 -13.16
C ASP A 549 -3.46 -34.18 -14.64
N GLY A 550 -2.20 -33.96 -15.01
CA GLY A 550 -1.79 -33.94 -16.40
C GLY A 550 -2.06 -32.65 -17.12
N HIS A 551 -2.94 -31.79 -16.60
CA HIS A 551 -3.26 -30.53 -17.23
C HIS A 551 -2.22 -29.49 -16.87
N LEU A 552 -1.81 -28.71 -17.86
CA LEU A 552 -0.89 -27.61 -17.61
C LEU A 552 -1.59 -26.50 -16.86
N LEU A 553 -0.94 -25.96 -15.83
CA LEU A 553 -1.52 -24.91 -15.00
C LEU A 553 -1.27 -23.54 -15.61
N GLU A 554 -2.32 -22.71 -15.64
CA GLU A 554 -2.16 -21.29 -15.91
C GLU A 554 -1.90 -20.53 -14.61
N SER A 555 -2.81 -20.64 -13.65
CA SER A 555 -2.64 -19.98 -12.37
C SER A 555 -3.15 -20.86 -11.24
N GLU A 556 -2.37 -20.94 -10.16
CA GLU A 556 -2.83 -21.55 -8.92
C GLU A 556 -2.78 -20.51 -7.81
N THR A 557 -3.78 -20.55 -6.94
CA THR A 557 -3.87 -19.60 -5.84
C THR A 557 -4.72 -20.22 -4.72
N TYR A 558 -5.27 -19.35 -3.89
CA TYR A 558 -6.10 -19.83 -2.76
C TYR A 558 -7.36 -18.97 -2.70
N VAL A 559 -8.36 -19.47 -2.02
CA VAL A 559 -9.61 -18.73 -1.85
C VAL A 559 -9.39 -17.63 -0.83
N GLY A 560 -9.48 -16.38 -1.28
CA GLY A 560 -9.41 -15.24 -0.39
C GLY A 560 -10.64 -15.07 0.49
N GLY A 561 -10.87 -13.82 0.92
CA GLY A 561 -11.91 -13.47 1.86
C GLY A 561 -13.32 -13.75 1.38
N HIS A 562 -14.25 -13.90 2.32
CA HIS A 562 -15.65 -14.19 2.01
C HIS A 562 -16.42 -12.87 1.93
N VAL A 563 -17.01 -12.61 0.76
CA VAL A 563 -17.75 -11.39 0.50
C VAL A 563 -19.21 -11.75 0.23
N GLU A 564 -20.13 -10.90 0.70
CA GLU A 564 -21.55 -11.18 0.56
C GLU A 564 -22.33 -9.88 0.48
N SER A 565 -23.16 -9.73 -0.56
CA SER A 565 -24.22 -8.74 -0.59
C SER A 565 -25.53 -9.44 -0.28
N LEU A 566 -26.24 -8.97 0.73
CA LEU A 566 -27.45 -9.65 1.18
C LEU A 566 -28.70 -8.82 0.91
N GLU A 567 -28.77 -7.59 1.43
CA GLU A 567 -29.95 -6.74 1.30
C GLU A 567 -29.54 -5.40 0.71
N ALA A 568 -30.34 -4.91 -0.24
CA ALA A 568 -30.07 -3.65 -0.91
C ALA A 568 -31.13 -2.62 -0.51
N GLY A 569 -30.84 -1.37 -0.80
CA GLY A 569 -31.79 -0.30 -0.60
C GLY A 569 -31.46 0.61 0.55
N VAL A 570 -32.48 1.28 1.05
CA VAL A 570 -32.35 2.28 2.09
C VAL A 570 -32.66 1.64 3.43
N PHE A 571 -31.86 2.00 4.43
CA PHE A 571 -32.14 1.64 5.81
C PHE A 571 -31.78 2.85 6.65
N ARG A 572 -32.76 3.38 7.38
CA ARG A 572 -32.59 4.63 8.11
C ARG A 572 -33.03 4.48 9.54
N SER A 573 -32.46 5.32 10.42
CA SER A 573 -32.76 5.25 11.84
C SER A 573 -34.19 5.71 12.12
N ASP A 574 -34.68 6.71 11.38
CA ASP A 574 -36.03 7.23 11.63
C ASP A 574 -37.11 6.38 10.97
N LEU A 575 -36.77 5.52 10.01
CA LEU A 575 -37.73 4.62 9.39
C LEU A 575 -37.83 3.34 10.22
N LYS A 576 -38.61 2.36 9.73
CA LYS A 576 -38.91 1.16 10.48
C LYS A 576 -38.71 -0.08 9.61
N ASN A 577 -38.40 -1.20 10.28
CA ASN A 577 -38.08 -2.46 9.62
C ASN A 577 -38.68 -3.62 10.38
N GLU A 578 -38.91 -4.72 9.66
CA GLU A 578 -39.42 -5.96 10.22
C GLU A 578 -38.28 -6.90 10.56
N PHE A 579 -38.44 -7.63 11.66
CA PHE A 579 -37.45 -8.56 12.13
C PHE A 579 -38.12 -9.88 12.46
N LYS A 580 -37.56 -10.97 11.98
CA LYS A 580 -37.99 -12.33 12.32
C LYS A 580 -36.90 -12.93 13.23
N ILE A 581 -37.13 -12.82 14.53
CA ILE A 581 -36.13 -13.26 15.51
C ILE A 581 -36.22 -14.77 15.68
N ASP A 582 -35.09 -15.44 15.52
CA ASP A 582 -35.01 -16.86 15.84
C ASP A 582 -35.15 -17.02 17.35
N PRO A 583 -36.10 -17.80 17.83
CA PRO A 583 -36.19 -18.04 19.28
C PRO A 583 -35.00 -18.85 19.79
N SER A 584 -34.70 -19.95 19.08
CA SER A 584 -33.61 -20.82 19.50
C SER A 584 -32.26 -20.10 19.51
N ALA A 585 -32.13 -19.00 18.76
CA ALA A 585 -30.92 -18.20 18.83
C ALA A 585 -30.93 -17.30 20.06
N ILE A 586 -32.09 -16.77 20.43
CA ILE A 586 -32.20 -16.10 21.72
C ILE A 586 -31.95 -17.09 22.85
N ASP A 587 -32.36 -18.34 22.66
CA ASP A 587 -32.01 -19.40 23.61
C ASP A 587 -30.50 -19.54 23.71
N GLU A 588 -29.83 -19.69 22.56
CA GLU A 588 -28.37 -19.84 22.56
C GLU A 588 -27.70 -18.66 23.23
N LEU A 589 -28.22 -17.46 23.03
CA LEU A 589 -27.61 -16.27 23.61
C LEU A 589 -27.83 -16.20 25.12
N LEU A 590 -28.98 -16.70 25.60
CA LEU A 590 -29.29 -16.61 27.02
C LEU A 590 -28.49 -17.61 27.86
N GLN A 591 -28.19 -18.79 27.31
CA GLN A 591 -27.33 -19.72 28.03
C GLN A 591 -25.85 -19.40 27.83
N GLU A 592 -25.49 -18.73 26.74
CA GLU A 592 -24.15 -18.16 26.60
C GLU A 592 -24.01 -16.85 27.37
N LEU A 593 -25.11 -16.31 27.90
CA LEU A 593 -25.07 -15.05 28.62
C LEU A 593 -24.10 -15.04 29.80
N PRO A 594 -24.10 -16.01 30.71
CA PRO A 594 -23.28 -15.86 31.92
C PRO A 594 -21.78 -15.74 31.65
N GLU A 595 -21.20 -16.71 30.94
CA GLU A 595 -19.76 -16.69 30.73
C GLU A 595 -19.32 -15.55 29.83
N ALA A 596 -20.23 -15.02 29.02
CA ALA A 596 -19.89 -13.85 28.18
C ALA A 596 -19.75 -12.60 29.03
N LEU A 597 -20.68 -12.40 29.95
CA LEU A 597 -20.64 -11.20 30.79
C LEU A 597 -19.39 -11.19 31.67
N LYS A 598 -19.02 -12.35 32.21
CA LYS A 598 -17.72 -12.46 32.88
C LYS A 598 -16.60 -12.21 31.89
N PHE A 599 -16.74 -12.74 30.66
CA PHE A 599 -15.69 -12.55 29.65
C PHE A 599 -15.52 -11.08 29.31
N SER A 600 -16.61 -10.32 29.28
CA SER A 600 -16.51 -8.92 28.86
C SER A 600 -15.61 -8.13 29.79
N VAL A 601 -15.69 -8.41 31.10
CA VAL A 601 -14.84 -7.72 32.06
C VAL A 601 -13.51 -8.44 32.23
N GLU A 602 -13.51 -9.77 32.16
CA GLU A 602 -12.28 -10.51 32.43
C GLU A 602 -11.31 -10.45 31.26
N VAL A 603 -11.81 -10.53 30.03
CA VAL A 603 -10.93 -10.53 28.86
C VAL A 603 -10.98 -9.18 28.17
N GLU A 604 -12.17 -8.77 27.72
CA GLU A 604 -12.25 -7.56 26.91
C GLU A 604 -11.80 -6.33 27.69
N ASN A 605 -11.98 -6.33 29.01
CA ASN A 605 -11.53 -5.22 29.82
C ASN A 605 -10.45 -5.60 30.83
N LYS A 606 -10.08 -6.88 30.92
CA LYS A 606 -8.94 -7.33 31.73
C LYS A 606 -9.09 -6.94 33.19
N SER A 607 -10.26 -7.24 33.77
CA SER A 607 -10.57 -6.89 35.15
C SER A 607 -11.17 -8.08 35.87
N SER A 608 -11.38 -7.90 37.17
CA SER A 608 -11.94 -8.93 38.03
C SER A 608 -13.45 -8.80 38.10
N VAL A 609 -14.14 -9.94 38.10
CA VAL A 609 -15.60 -9.93 38.23
C VAL A 609 -15.99 -9.44 39.62
N ASP A 610 -15.27 -9.87 40.66
CA ASP A 610 -15.61 -9.54 42.04
C ASP A 610 -15.21 -8.13 42.43
N LYS A 611 -14.62 -7.36 41.51
CA LYS A 611 -14.30 -5.96 41.76
C LYS A 611 -15.27 -5.00 41.10
N VAL A 612 -15.94 -5.41 40.02
CA VAL A 612 -16.99 -4.59 39.43
C VAL A 612 -18.26 -4.74 40.26
N THR A 613 -19.01 -3.65 40.39
CA THR A 613 -20.18 -3.66 41.27
C THR A 613 -21.41 -4.25 40.59
N ASN A 614 -21.96 -3.53 39.61
CA ASN A 614 -23.30 -3.82 39.07
C ASN A 614 -23.23 -4.87 37.95
N PHE A 615 -22.70 -6.04 38.29
CA PHE A 615 -22.71 -7.15 37.34
C PHE A 615 -24.11 -7.74 37.21
N GLU A 616 -24.69 -8.18 38.32
CA GLU A 616 -26.03 -8.75 38.29
C GLU A 616 -27.06 -7.72 37.83
N GLU A 617 -26.79 -6.43 38.06
CA GLU A 617 -27.69 -5.38 37.60
C GLU A 617 -27.83 -5.42 36.08
N ILE A 618 -26.72 -5.60 35.37
CA ILE A 618 -26.79 -5.70 33.91
C ILE A 618 -27.34 -7.04 33.48
N LYS A 619 -26.91 -8.12 34.16
CA LYS A 619 -27.24 -9.48 33.73
C LYS A 619 -28.73 -9.68 33.48
N ASN A 620 -29.58 -8.89 34.14
CA ASN A 620 -31.02 -9.01 33.95
C ASN A 620 -31.56 -8.04 32.90
N GLN A 621 -31.06 -6.80 32.90
CA GLN A 621 -31.54 -5.80 31.96
C GLN A 621 -31.37 -6.26 30.52
N ILE A 622 -30.36 -7.08 30.25
CA ILE A 622 -30.15 -7.61 28.91
C ILE A 622 -31.12 -8.76 28.63
N THR A 623 -31.26 -9.68 29.58
CA THR A 623 -32.22 -10.77 29.40
C THR A 623 -33.66 -10.30 29.45
N GLN A 624 -33.92 -9.12 30.05
CA GLN A 624 -35.25 -8.54 29.96
C GLN A 624 -35.59 -8.20 28.51
N LYS A 625 -34.67 -7.52 27.83
CA LYS A 625 -34.86 -7.27 26.40
C LYS A 625 -34.78 -8.56 25.60
N LEU A 626 -33.97 -9.52 26.06
CA LEU A 626 -33.96 -10.83 25.43
C LEU A 626 -35.28 -11.56 25.63
N LEU A 627 -35.97 -11.29 26.73
CA LEU A 627 -37.27 -11.89 26.98
C LEU A 627 -38.34 -11.23 26.12
N GLU A 628 -38.45 -9.90 26.18
CA GLU A 628 -39.41 -9.18 25.36
C GLU A 628 -39.19 -9.41 23.87
N LEU A 629 -37.96 -9.74 23.47
CA LEU A 629 -37.66 -10.10 22.09
C LEU A 629 -37.84 -11.59 21.81
N LYS A 630 -38.04 -12.41 22.83
CA LYS A 630 -38.23 -13.83 22.66
C LYS A 630 -39.70 -14.16 22.38
N GLU A 631 -40.62 -13.66 23.20
CA GLU A 631 -42.03 -13.89 22.98
C GLU A 631 -42.54 -13.08 21.79
N ASN A 632 -41.93 -11.93 21.53
CA ASN A 632 -42.26 -11.11 20.36
C ASN A 632 -41.22 -11.31 19.27
N ASN A 633 -41.13 -12.56 18.80
CA ASN A 633 -40.14 -12.91 17.79
C ASN A 633 -40.47 -12.36 16.40
N ILE A 634 -41.59 -11.68 16.24
CA ILE A 634 -41.99 -11.04 14.97
C ILE A 634 -42.41 -9.61 15.31
N ARG A 635 -41.55 -8.67 14.92
CA ARG A 635 -41.81 -7.26 15.26
C ARG A 635 -41.36 -6.33 14.13
N ASN A 636 -41.98 -5.17 14.02
CA ASN A 636 -41.67 -4.14 13.02
C ASN A 636 -41.35 -2.84 13.76
N GLU A 637 -40.06 -2.57 13.98
CA GLU A 637 -39.67 -1.35 14.69
C GLU A 637 -38.59 -0.60 13.92
N LEU A 638 -38.00 0.42 14.54
CA LEU A 638 -36.87 1.13 13.94
C LEU A 638 -35.61 0.28 14.04
N PRO A 639 -34.66 0.48 13.14
CA PRO A 639 -33.42 -0.30 13.19
C PRO A 639 -32.30 0.44 13.92
N LEU A 640 -31.22 -0.28 14.17
CA LEU A 640 -29.98 0.31 14.66
C LEU A 640 -28.88 -0.18 13.72
N ILE A 641 -28.34 0.74 12.93
CA ILE A 641 -27.36 0.39 11.90
C ILE A 641 -25.99 0.29 12.54
N TYR A 642 -25.40 -0.90 12.49
CA TYR A 642 -24.12 -1.17 13.12
C TYR A 642 -23.17 -1.85 12.13
N HIS A 643 -21.88 -1.77 12.44
CA HIS A 643 -20.82 -2.41 11.66
C HIS A 643 -19.85 -3.05 12.65
N VAL A 644 -19.46 -4.30 12.37
CA VAL A 644 -18.54 -5.04 13.22
C VAL A 644 -17.35 -5.49 12.39
N ASP A 645 -16.15 -5.26 12.91
CA ASP A 645 -14.92 -5.53 12.18
C ASP A 645 -13.92 -6.16 13.12
N VAL A 646 -13.24 -7.19 12.64
CA VAL A 646 -12.18 -7.79 13.44
C VAL A 646 -10.92 -6.96 13.24
N ALA A 647 -10.29 -6.56 14.34
CA ALA A 647 -9.14 -5.67 14.25
C ALA A 647 -7.89 -6.49 13.90
N SER A 648 -7.12 -6.00 12.93
CA SER A 648 -5.91 -6.66 12.42
C SER A 648 -6.16 -8.16 12.22
N MET A 649 -7.14 -8.44 11.38
CA MET A 649 -7.71 -9.77 11.31
C MET A 649 -6.66 -10.80 10.91
N TYR A 650 -6.15 -10.68 9.70
CA TYR A 650 -5.13 -11.60 9.21
C TYR A 650 -3.90 -11.62 10.11
N PRO A 651 -3.39 -10.49 10.63
CA PRO A 651 -2.34 -10.58 11.65
C PRO A 651 -2.78 -11.41 12.85
N ASN A 652 -3.86 -10.98 13.53
CA ASN A 652 -4.32 -11.71 14.71
C ASN A 652 -4.67 -13.15 14.38
N ILE A 653 -4.96 -13.47 13.12
CA ILE A 653 -5.19 -14.86 12.78
C ILE A 653 -3.86 -15.60 12.73
N MET A 654 -2.81 -14.91 12.29
CA MET A 654 -1.49 -15.53 12.22
C MET A 654 -0.89 -15.71 13.61
N THR A 655 -0.90 -14.65 14.43
CA THR A 655 -0.30 -14.74 15.76
C THR A 655 -1.05 -15.74 16.64
N THR A 656 -2.36 -15.83 16.49
CA THR A 656 -3.15 -16.74 17.32
C THR A 656 -2.80 -18.20 17.01
N ASN A 657 -2.55 -18.52 15.74
CA ASN A 657 -2.36 -19.89 15.31
C ASN A 657 -0.90 -20.27 15.11
N ARG A 658 0.04 -19.42 15.54
CA ARG A 658 1.46 -19.63 15.30
C ARG A 658 1.72 -19.86 13.82
N LEU A 659 1.00 -19.12 12.99
CA LEU A 659 1.13 -19.26 11.53
C LEU A 659 2.36 -18.51 11.06
N GLN A 660 3.26 -19.22 10.40
CA GLN A 660 4.40 -18.63 9.73
C GLN A 660 4.93 -19.62 8.71
N PRO A 661 5.64 -19.16 7.69
CA PRO A 661 6.05 -20.08 6.61
C PRO A 661 6.86 -21.27 7.08
N ASP A 662 7.79 -21.07 8.01
CA ASP A 662 8.63 -22.17 8.49
C ASP A 662 7.90 -23.12 9.43
N SER A 663 6.80 -22.67 10.05
CA SER A 663 6.00 -23.51 10.95
C SER A 663 5.11 -24.49 10.19
N ILE A 664 5.22 -24.56 8.86
CA ILE A 664 4.33 -25.38 8.03
C ILE A 664 5.10 -26.62 7.58
N LYS A 665 4.55 -27.80 7.87
CA LYS A 665 5.28 -29.04 7.64
C LYS A 665 4.33 -30.10 7.12
N ALA A 666 4.90 -31.05 6.40
CA ALA A 666 4.23 -32.28 6.02
C ALA A 666 4.36 -33.27 7.16
N GLU A 667 3.67 -34.40 7.05
CA GLU A 667 3.79 -35.45 8.06
C GLU A 667 5.15 -36.11 7.89
N ARG A 668 5.91 -35.76 6.86
CA ARG A 668 7.22 -36.37 6.61
C ARG A 668 8.26 -35.86 7.59
N ASP A 669 8.32 -34.54 7.82
CA ASP A 669 9.43 -33.98 8.58
C ASP A 669 9.16 -33.88 10.07
N CYS A 670 8.04 -33.25 10.47
CA CYS A 670 7.73 -33.20 11.90
C CYS A 670 7.67 -34.59 12.52
N ALA A 671 7.28 -35.60 11.75
CA ALA A 671 7.36 -36.98 12.23
C ALA A 671 8.79 -37.36 12.57
N SER A 672 9.75 -36.85 11.80
CA SER A 672 11.16 -37.17 12.04
C SER A 672 11.72 -36.40 13.24
N CYS A 673 10.83 -35.72 13.96
CA CYS A 673 11.29 -34.89 15.10
C CYS A 673 10.74 -35.47 16.40
N ASP A 674 9.57 -34.97 16.83
CA ASP A 674 8.94 -35.49 18.04
C ASP A 674 7.55 -36.02 17.70
N PHE A 675 7.46 -36.97 16.77
CA PHE A 675 6.16 -37.41 16.26
C PHE A 675 5.21 -37.96 17.33
N LYS A 680 1.43 -35.20 21.62
CA LYS A 680 2.02 -34.49 20.48
C LYS A 680 1.14 -33.34 20.00
N THR A 681 1.45 -32.13 20.45
CA THR A 681 0.78 -30.93 19.98
C THR A 681 1.64 -30.14 19.00
N CYS A 682 2.65 -30.79 18.41
CA CYS A 682 3.29 -30.27 17.21
C CYS A 682 2.26 -29.98 16.12
N ALA A 683 1.08 -30.60 16.16
CA ALA A 683 0.17 -30.45 14.99
C ALA A 683 -1.09 -29.65 15.24
N ARG A 684 -1.20 -28.47 14.63
CA ARG A 684 -2.49 -27.71 14.66
C ARG A 684 -3.05 -27.89 13.26
N LYS A 685 -3.52 -29.10 12.93
CA LYS A 685 -4.01 -29.41 11.59
C LYS A 685 -5.01 -28.34 11.15
N LEU A 686 -4.67 -27.61 10.10
CA LEU A 686 -5.50 -26.51 9.62
C LEU A 686 -5.64 -26.62 8.11
N LYS A 687 -6.84 -26.29 7.62
CA LYS A 687 -7.21 -26.48 6.22
C LYS A 687 -7.17 -25.17 5.45
N TRP A 688 -6.83 -25.27 4.16
CA TRP A 688 -6.88 -24.16 3.23
C TRP A 688 -7.43 -24.66 1.90
N ALA A 689 -7.94 -23.72 1.09
CA ALA A 689 -8.63 -24.04 -0.16
C ALA A 689 -7.75 -23.67 -1.35
N TRP A 690 -7.37 -24.68 -2.13
CA TRP A 690 -6.54 -24.47 -3.30
C TRP A 690 -7.40 -24.25 -4.53
N ARG A 691 -7.00 -23.29 -5.36
CA ARG A 691 -7.63 -23.04 -6.65
C ARG A 691 -6.58 -23.04 -7.75
N GLY A 692 -6.81 -23.84 -8.77
CA GLY A 692 -5.93 -23.87 -9.93
C GLY A 692 -6.73 -23.59 -11.19
N GLU A 693 -6.12 -22.82 -12.09
CA GLU A 693 -6.70 -22.55 -13.40
C GLU A 693 -5.80 -23.19 -14.45
N PHE A 694 -6.37 -24.12 -15.21
CA PHE A 694 -5.58 -25.01 -16.06
C PHE A 694 -6.37 -25.32 -17.33
N PHE A 695 -5.62 -25.64 -18.38
CA PHE A 695 -6.26 -26.03 -19.65
C PHE A 695 -6.83 -27.43 -19.50
N PRO A 696 -8.00 -27.74 -20.11
CA PRO A 696 -8.64 -29.06 -20.00
C PRO A 696 -7.88 -30.15 -20.74
N SER A 697 -6.84 -29.74 -21.46
CA SER A 697 -6.01 -30.71 -22.20
C SER A 697 -5.35 -31.68 -21.23
N LYS A 698 -5.44 -32.99 -21.49
CA LYS A 698 -4.72 -33.95 -20.66
C LYS A 698 -3.24 -33.96 -21.04
N MET A 699 -2.46 -34.74 -20.29
CA MET A 699 -1.02 -34.77 -20.51
C MET A 699 -0.66 -35.30 -21.89
N ASP A 700 -1.45 -36.23 -22.42
CA ASP A 700 -1.17 -36.75 -23.76
C ASP A 700 -1.39 -35.71 -24.84
N GLU A 701 -2.40 -34.84 -24.64
CA GLU A 701 -2.60 -33.73 -25.59
C GLU A 701 -1.43 -32.76 -25.56
N TYR A 702 -0.81 -32.58 -24.38
CA TYR A 702 0.34 -31.69 -24.27
C TYR A 702 1.49 -32.14 -25.17
N ASN A 703 1.75 -33.46 -25.21
CA ASN A 703 2.83 -33.98 -26.04
C ASN A 703 2.63 -33.59 -27.50
N MET A 704 1.41 -33.76 -28.03
CA MET A 704 1.13 -33.41 -29.42
C MET A 704 1.55 -31.99 -29.73
N ILE A 705 1.22 -31.06 -28.85
CA ILE A 705 1.60 -29.67 -29.06
C ILE A 705 3.11 -29.50 -28.95
N LYS A 706 3.72 -30.19 -27.98
CA LYS A 706 5.17 -30.17 -27.85
C LYS A 706 5.85 -30.80 -29.06
N ARG A 707 5.29 -31.90 -29.56
CA ARG A 707 5.84 -32.54 -30.75
C ARG A 707 5.63 -31.67 -31.99
N ALA A 708 4.53 -30.91 -32.04
CA ALA A 708 4.23 -30.13 -33.23
C ALA A 708 5.03 -28.83 -33.26
N LEU A 709 5.08 -28.11 -32.15
CA LEU A 709 5.70 -26.79 -32.11
C LEU A 709 7.21 -26.94 -32.07
N GLN A 710 7.83 -26.99 -33.25
CA GLN A 710 9.28 -27.12 -33.30
C GLN A 710 9.93 -26.37 -34.46
N ASN A 711 9.19 -25.61 -35.26
CA ASN A 711 9.73 -24.98 -36.47
C ASN A 711 9.13 -23.59 -36.63
N GLU A 712 9.24 -22.75 -35.60
CA GLU A 712 8.48 -21.49 -35.56
C GLU A 712 9.13 -20.39 -36.40
N THR A 713 10.45 -20.21 -36.30
CA THR A 713 11.08 -19.08 -36.97
C THR A 713 12.52 -19.41 -37.33
N PHE A 714 13.07 -18.59 -38.22
CA PHE A 714 14.46 -18.68 -38.67
C PHE A 714 14.95 -17.27 -38.95
N PRO A 715 16.25 -16.97 -38.73
CA PRO A 715 16.78 -15.63 -38.95
C PRO A 715 17.05 -15.31 -40.42
N LEU A 731 16.13 -20.36 -29.51
CA LEU A 731 15.07 -19.68 -28.77
C LEU A 731 15.13 -20.05 -27.30
N SER A 732 15.22 -19.02 -26.44
CA SER A 732 15.32 -19.25 -25.01
C SER A 732 14.09 -19.97 -24.49
N TYR A 733 14.26 -20.71 -23.39
CA TYR A 733 13.16 -21.47 -22.81
C TYR A 733 11.94 -20.58 -22.58
N ALA A 734 12.11 -19.49 -21.83
CA ALA A 734 11.02 -18.55 -21.58
C ALA A 734 10.35 -18.13 -22.88
N ASP A 735 11.14 -17.86 -23.93
CA ASP A 735 10.54 -17.55 -25.22
C ASP A 735 9.82 -18.76 -25.78
N GLN A 736 10.39 -19.96 -25.59
CA GLN A 736 9.75 -21.17 -26.12
C GLN A 736 8.43 -21.46 -25.44
N VAL A 737 8.28 -21.09 -24.16
CA VAL A 737 7.01 -21.31 -23.47
C VAL A 737 5.90 -20.51 -24.12
N ILE A 738 6.22 -19.30 -24.61
CA ILE A 738 5.22 -18.41 -25.17
C ILE A 738 4.47 -19.09 -26.30
N HIS A 739 5.20 -19.74 -27.20
CA HIS A 739 4.57 -20.38 -28.35
C HIS A 739 3.78 -21.61 -27.92
N ILE A 740 4.28 -22.35 -26.92
CA ILE A 740 3.57 -23.53 -26.45
C ILE A 740 2.21 -23.14 -25.87
N LYS A 741 2.18 -22.03 -25.11
CA LYS A 741 0.91 -21.57 -24.54
C LYS A 741 -0.08 -21.21 -25.65
N LYS A 742 0.37 -20.40 -26.61
CA LYS A 742 -0.52 -19.93 -27.68
C LYS A 742 -1.17 -21.09 -28.41
N ARG A 743 -0.36 -22.07 -28.84
CA ARG A 743 -0.91 -23.21 -29.57
C ARG A 743 -1.79 -24.08 -28.68
N LEU A 744 -1.55 -24.07 -27.37
CA LEU A 744 -2.35 -24.90 -26.47
C LEU A 744 -3.74 -24.32 -26.23
N THR A 745 -3.91 -23.00 -26.36
CA THR A 745 -5.25 -22.41 -26.21
C THR A 745 -6.19 -22.94 -27.27
N GLU A 746 -5.78 -22.88 -28.54
CA GLU A 746 -6.67 -23.29 -29.62
C GLU A 746 -6.92 -24.79 -29.61
N TYR A 747 -5.91 -25.58 -29.23
CA TYR A 747 -6.09 -27.03 -29.15
C TYR A 747 -7.02 -27.41 -28.01
N SER A 748 -6.92 -26.69 -26.88
CA SER A 748 -7.82 -26.95 -25.76
C SER A 748 -9.23 -26.48 -26.07
N ARG A 749 -9.37 -25.32 -26.72
CA ARG A 749 -10.68 -24.81 -27.10
C ARG A 749 -11.35 -25.63 -28.20
N LYS A 750 -10.56 -26.38 -28.97
CA LYS A 750 -11.11 -27.06 -30.15
C LYS A 750 -11.90 -28.32 -29.80
N VAL A 751 -11.59 -28.99 -28.70
CA VAL A 751 -12.16 -30.30 -28.44
C VAL A 751 -12.99 -30.33 -27.16
N TYR A 752 -12.59 -29.58 -26.14
CA TYR A 752 -13.37 -29.53 -24.90
C TYR A 752 -14.28 -28.32 -24.80
N HIS A 753 -14.26 -27.42 -25.79
CA HIS A 753 -15.14 -26.25 -25.82
C HIS A 753 -14.98 -25.40 -24.56
N ARG A 754 -13.72 -25.25 -24.14
CA ARG A 754 -13.38 -24.46 -22.97
C ARG A 754 -11.88 -24.20 -23.03
N VAL A 755 -11.47 -23.10 -22.38
CA VAL A 755 -10.08 -22.71 -22.37
C VAL A 755 -9.46 -22.74 -20.98
N LYS A 756 -10.26 -22.64 -19.91
CA LYS A 756 -9.73 -22.69 -18.56
C LYS A 756 -10.68 -23.48 -17.67
N VAL A 757 -10.12 -24.32 -16.81
CA VAL A 757 -10.88 -25.06 -15.81
C VAL A 757 -10.43 -24.60 -14.44
N SER A 758 -11.38 -24.21 -13.60
CA SER A 758 -11.09 -23.78 -12.24
C SER A 758 -11.68 -24.79 -11.28
N GLU A 759 -10.82 -25.45 -10.51
CA GLU A 759 -11.23 -26.46 -9.54
C GLU A 759 -10.79 -26.05 -8.14
N ILE A 760 -11.68 -26.29 -7.17
CA ILE A 760 -11.40 -26.02 -5.76
C ILE A 760 -10.98 -27.34 -5.15
N VAL A 761 -9.73 -27.43 -4.69
CA VAL A 761 -9.23 -28.63 -4.04
C VAL A 761 -9.02 -28.28 -2.57
N GLU A 762 -9.97 -28.68 -1.73
CA GLU A 762 -9.82 -28.51 -0.30
C GLU A 762 -8.57 -29.24 0.17
N ARG A 763 -7.75 -28.53 0.93
CA ARG A 763 -6.46 -29.12 1.33
C ARG A 763 -6.25 -28.95 2.83
N GLU A 764 -5.24 -29.63 3.37
CA GLU A 764 -4.90 -29.59 4.78
C GLU A 764 -3.40 -29.38 4.92
N ALA A 765 -3.02 -28.73 6.01
CA ALA A 765 -1.62 -28.49 6.33
C ALA A 765 -1.41 -28.64 7.82
N ILE A 766 -0.21 -29.09 8.19
CA ILE A 766 0.19 -29.22 9.60
C ILE A 766 1.08 -28.04 9.94
N VAL A 767 0.70 -27.29 10.97
CA VAL A 767 1.54 -26.21 11.48
C VAL A 767 2.05 -26.59 12.86
N CYS A 768 3.34 -26.93 12.92
CA CYS A 768 3.99 -27.27 14.17
C CYS A 768 3.99 -26.08 15.12
N GLN A 769 3.63 -26.33 16.38
CA GLN A 769 3.59 -25.29 17.39
C GLN A 769 4.92 -25.12 18.13
N ARG A 770 6.02 -25.66 17.58
CA ARG A 770 7.30 -25.61 18.25
C ARG A 770 8.39 -24.88 17.47
N GLU A 771 8.11 -24.46 16.23
CA GLU A 771 9.13 -23.86 15.40
C GLU A 771 9.59 -22.53 15.98
N ASN A 772 10.81 -22.13 15.61
CA ASN A 772 11.32 -20.83 15.98
C ASN A 772 10.35 -19.76 15.52
N PRO A 773 9.76 -19.00 16.42
CA PRO A 773 8.66 -18.12 16.02
C PRO A 773 9.09 -16.71 15.63
N PHE A 774 10.27 -16.57 15.01
CA PHE A 774 10.78 -15.23 14.73
C PHE A 774 9.86 -14.48 13.77
N TYR A 775 9.28 -15.18 12.81
CA TYR A 775 8.33 -14.55 11.88
C TYR A 775 7.09 -14.07 12.63
N VAL A 776 6.35 -15.00 13.22
CA VAL A 776 5.08 -14.65 13.86
C VAL A 776 5.30 -13.63 14.97
N ASP A 777 6.44 -13.69 15.67
CA ASP A 777 6.74 -12.67 16.67
C ASP A 777 6.96 -11.32 16.02
N THR A 778 7.61 -11.29 14.85
CA THR A 778 7.80 -10.04 14.13
C THR A 778 6.46 -9.43 13.75
N VAL A 779 5.53 -10.25 13.28
CA VAL A 779 4.18 -9.78 12.98
C VAL A 779 3.53 -9.21 14.22
N LYS A 780 3.71 -9.89 15.36
CA LYS A 780 3.08 -9.46 16.61
C LYS A 780 3.69 -8.16 17.11
N SER A 781 4.99 -7.99 16.94
CA SER A 781 5.61 -6.74 17.33
C SER A 781 5.01 -5.57 16.54
N PHE A 782 4.88 -5.73 15.23
CA PHE A 782 4.34 -4.66 14.40
C PHE A 782 2.86 -4.45 14.67
N ARG A 783 2.11 -5.52 14.90
CA ARG A 783 0.71 -5.38 15.26
C ARG A 783 0.56 -4.55 16.53
N ASP A 784 1.32 -4.88 17.58
CA ASP A 784 1.28 -4.09 18.81
C ASP A 784 1.77 -2.67 18.56
N ARG A 785 2.79 -2.53 17.72
CA ARG A 785 3.23 -1.22 17.27
C ARG A 785 2.08 -0.40 16.70
N ARG A 786 1.18 -1.05 15.94
CA ARG A 786 0.05 -0.33 15.36
C ARG A 786 -1.04 -0.06 16.39
N TYR A 787 -1.30 -1.02 17.29
CA TYR A 787 -2.38 -0.87 18.26
C TYR A 787 -2.21 0.38 19.11
N GLU A 788 -0.97 0.75 19.41
CA GLU A 788 -0.72 1.98 20.17
C GLU A 788 -1.42 3.16 19.52
N PHE A 789 -1.20 3.35 18.23
CA PHE A 789 -1.76 4.51 17.53
C PHE A 789 -3.27 4.36 17.36
N LYS A 790 -3.76 3.13 17.14
CA LYS A 790 -5.19 2.90 17.10
C LYS A 790 -5.83 3.19 18.45
N GLY A 791 -5.21 2.73 19.53
CA GLY A 791 -5.74 3.02 20.86
C GLY A 791 -5.63 4.47 21.24
N LEU A 792 -4.60 5.15 20.74
CA LEU A 792 -4.44 6.57 21.04
C LEU A 792 -5.48 7.41 20.30
N ALA A 793 -5.87 6.99 19.09
CA ALA A 793 -6.96 7.66 18.39
C ALA A 793 -8.29 7.45 19.10
N LYS A 794 -8.52 6.24 19.62
CA LYS A 794 -9.72 5.99 20.42
C LYS A 794 -9.72 6.82 21.69
N THR A 795 -8.55 6.98 22.31
CA THR A 795 -8.46 7.76 23.55
C THR A 795 -8.83 9.21 23.30
N TRP A 796 -8.25 9.82 22.26
CA TRP A 796 -8.49 11.23 21.97
C TRP A 796 -9.87 11.48 21.37
N LYS A 797 -10.52 10.45 20.82
CA LYS A 797 -11.92 10.58 20.44
C LYS A 797 -12.78 11.01 21.62
N GLY A 798 -12.66 10.30 22.75
CA GLY A 798 -13.46 10.63 23.92
C GLY A 798 -13.12 11.99 24.51
N ASN A 799 -11.82 12.34 24.53
CA ASN A 799 -11.41 13.65 25.01
C ASN A 799 -12.19 14.77 24.32
N LEU A 800 -12.44 14.61 23.01
CA LEU A 800 -13.30 15.54 22.30
C LEU A 800 -14.74 15.47 22.79
N SER A 801 -15.26 14.26 23.03
CA SER A 801 -16.61 14.13 23.54
C SER A 801 -16.74 14.83 24.90
N LYS A 802 -15.70 14.74 25.73
CA LYS A 802 -15.77 15.30 27.08
C LYS A 802 -15.76 16.82 27.06
N ILE A 803 -14.93 17.42 26.22
CA ILE A 803 -14.82 18.88 26.19
C ILE A 803 -16.11 19.47 25.66
N ASP A 804 -16.62 20.47 26.37
CA ASP A 804 -17.89 21.08 26.01
C ASP A 804 -17.76 21.86 24.71
N PRO A 805 -18.80 21.86 23.85
CA PRO A 805 -18.71 22.57 22.56
C PRO A 805 -18.25 24.02 22.69
N SER A 806 -18.34 24.56 23.90
CA SER A 806 -18.05 25.97 24.15
C SER A 806 -16.56 26.28 24.06
N ASP A 807 -15.69 25.32 24.37
CA ASP A 807 -14.24 25.57 24.37
C ASP A 807 -13.67 25.14 23.02
N LYS A 808 -13.33 26.10 22.18
CA LYS A 808 -12.91 25.77 20.82
C LYS A 808 -11.49 25.25 20.80
N HIS A 809 -10.54 26.02 21.33
CA HIS A 809 -9.14 25.67 21.23
C HIS A 809 -8.89 24.24 21.67
N ALA A 810 -9.42 23.86 22.83
CA ALA A 810 -9.32 22.48 23.32
C ALA A 810 -9.83 21.50 22.28
N ARG A 811 -11.08 21.68 21.83
CA ARG A 811 -11.65 20.80 20.80
C ARG A 811 -10.77 20.75 19.56
N ASP A 812 -10.34 21.92 19.08
CA ASP A 812 -9.53 21.99 17.87
C ASP A 812 -8.25 21.16 18.02
N GLU A 813 -7.50 21.39 19.10
CA GLU A 813 -6.28 20.62 19.35
C GLU A 813 -6.61 19.13 19.45
N ALA A 814 -7.71 18.78 20.11
CA ALA A 814 -8.11 17.38 20.20
C ALA A 814 -8.42 16.81 18.82
N LYS A 815 -9.07 17.59 17.96
CA LYS A 815 -9.24 17.17 16.57
C LYS A 815 -7.89 16.96 15.90
N LYS A 816 -6.97 17.91 16.08
CA LYS A 816 -5.63 17.79 15.48
C LYS A 816 -4.94 16.51 15.93
N MET A 817 -5.14 16.12 17.18
CA MET A 817 -4.54 14.89 17.69
C MET A 817 -5.14 13.66 17.04
N ILE A 818 -6.47 13.66 16.86
CA ILE A 818 -7.16 12.52 16.26
C ILE A 818 -6.67 12.32 14.82
N VAL A 819 -6.55 13.41 14.08
CA VAL A 819 -6.10 13.31 12.69
C VAL A 819 -4.67 12.79 12.62
N LEU A 820 -3.83 13.23 13.56
CA LEU A 820 -2.44 12.76 13.58
C LEU A 820 -2.39 11.27 13.87
N TYR A 821 -3.14 10.80 14.86
CA TYR A 821 -3.06 9.41 15.27
C TYR A 821 -3.76 8.48 14.29
N ASP A 822 -4.83 8.93 13.64
CA ASP A 822 -5.47 8.10 12.63
C ASP A 822 -4.56 7.89 11.44
N SER A 823 -3.86 8.94 11.01
CA SER A 823 -2.90 8.78 9.91
C SER A 823 -1.82 7.77 10.29
N LEU A 824 -1.29 7.88 11.50
CA LEU A 824 -0.20 7.00 11.95
C LEU A 824 -0.64 5.55 11.95
N GLN A 825 -1.83 5.27 12.49
CA GLN A 825 -2.31 3.89 12.51
C GLN A 825 -2.59 3.38 11.10
N LEU A 826 -3.07 4.25 10.20
CA LEU A 826 -3.36 3.80 8.84
C LEU A 826 -2.08 3.57 8.07
N ALA A 827 -1.05 4.38 8.32
CA ALA A 827 0.20 4.21 7.59
C ALA A 827 0.90 2.92 7.98
N HIS A 828 0.74 2.48 9.24
CA HIS A 828 1.30 1.19 9.65
C HIS A 828 0.52 0.02 9.07
N LYS A 829 -0.73 0.25 8.64
CA LYS A 829 -1.63 -0.84 8.28
C LYS A 829 -1.11 -1.64 7.10
N VAL A 830 -0.67 -0.95 6.05
CA VAL A 830 -0.29 -1.65 4.84
C VAL A 830 0.93 -2.52 5.09
N ILE A 831 1.79 -2.12 6.02
CA ILE A 831 2.95 -2.92 6.34
C ILE A 831 2.55 -4.12 7.18
N LEU A 832 1.67 -3.91 8.15
CA LEU A 832 1.20 -4.99 8.99
C LEU A 832 0.51 -6.08 8.17
N VAL A 833 -0.32 -5.69 7.21
CA VAL A 833 -1.00 -6.68 6.37
C VAL A 833 -0.06 -7.26 5.33
N SER A 834 0.95 -6.51 4.90
CA SER A 834 1.95 -7.03 3.98
C SER A 834 2.76 -8.15 4.59
N PHE A 835 2.69 -8.33 5.91
CA PHE A 835 3.30 -9.48 6.55
C PHE A 835 2.62 -10.77 6.14
N TYR A 836 1.30 -10.70 5.88
CA TYR A 836 0.57 -11.88 5.35
C TYR A 836 0.79 -11.94 3.84
N GLY A 837 0.87 -10.77 3.19
CA GLY A 837 1.11 -10.78 1.76
C GLY A 837 2.50 -11.25 1.39
N TYR A 838 3.49 -10.99 2.25
CA TYR A 838 4.87 -11.31 1.90
C TYR A 838 5.07 -12.79 1.58
N VAL A 839 4.26 -13.67 2.18
CA VAL A 839 4.45 -15.10 1.97
C VAL A 839 4.14 -15.53 0.55
N MET A 840 3.53 -14.64 -0.25
CA MET A 840 3.26 -14.94 -1.65
C MET A 840 4.05 -14.05 -2.60
N ARG A 841 4.74 -13.04 -2.10
CA ARG A 841 5.47 -12.10 -2.93
C ARG A 841 6.57 -12.80 -3.72
N LYS A 842 6.81 -12.32 -4.94
CA LYS A 842 7.88 -12.88 -5.74
C LYS A 842 9.24 -12.48 -5.16
N GLY A 843 10.16 -13.44 -5.13
CA GLY A 843 11.45 -13.22 -4.49
C GLY A 843 11.40 -13.25 -2.99
N SER A 844 10.29 -13.71 -2.40
CA SER A 844 10.18 -13.77 -0.95
C SER A 844 11.10 -14.83 -0.38
N ARG A 845 11.70 -14.52 0.76
CA ARG A 845 12.57 -15.48 1.43
C ARG A 845 11.79 -16.46 2.30
N TRP A 846 10.53 -16.15 2.60
CA TRP A 846 9.70 -17.01 3.45
C TRP A 846 8.35 -17.21 2.76
N TYR A 847 8.38 -18.00 1.70
CA TYR A 847 7.24 -18.24 0.82
C TYR A 847 6.41 -19.39 1.36
N SER A 848 5.10 -19.19 1.45
CA SER A 848 4.20 -20.29 1.80
C SER A 848 2.81 -19.98 1.27
N MET A 849 2.40 -20.70 0.20
CA MET A 849 1.02 -20.61 -0.23
C MET A 849 0.09 -21.23 0.81
N GLU A 850 0.54 -22.33 1.43
CA GLU A 850 -0.27 -23.00 2.44
C GLU A 850 -0.60 -22.06 3.59
N MET A 851 0.39 -21.27 4.03
CA MET A 851 0.16 -20.38 5.16
C MET A 851 -0.87 -19.31 4.82
N ALA A 852 -0.72 -18.71 3.65
CA ALA A 852 -1.66 -17.67 3.23
C ALA A 852 -3.08 -18.22 3.13
N GLY A 853 -3.22 -19.43 2.57
CA GLY A 853 -4.54 -20.01 2.42
C GLY A 853 -5.23 -20.26 3.75
N ILE A 854 -4.47 -20.75 4.74
CA ILE A 854 -5.05 -21.03 6.05
C ILE A 854 -5.52 -19.74 6.70
N THR A 855 -4.70 -18.70 6.64
CA THR A 855 -5.09 -17.39 7.14
C THR A 855 -6.42 -16.94 6.55
N CYS A 856 -6.53 -16.99 5.22
CA CYS A 856 -7.72 -16.51 4.54
C CYS A 856 -8.93 -17.37 4.91
N LEU A 857 -8.80 -18.69 4.77
CA LEU A 857 -9.94 -19.58 4.98
C LEU A 857 -10.46 -19.47 6.41
N THR A 858 -9.57 -19.63 7.39
CA THR A 858 -9.97 -19.49 8.78
C THR A 858 -10.84 -18.25 8.96
N GLY A 859 -10.36 -17.12 8.47
CA GLY A 859 -11.10 -15.87 8.64
C GLY A 859 -12.48 -15.90 8.03
N ALA A 860 -12.60 -16.47 6.83
CA ALA A 860 -13.92 -16.63 6.22
C ALA A 860 -14.83 -17.46 7.12
N THR A 861 -14.27 -18.43 7.84
CA THR A 861 -15.07 -19.24 8.75
C THR A 861 -15.53 -18.43 9.95
N ILE A 862 -14.68 -17.53 10.44
CA ILE A 862 -15.08 -16.70 11.57
C ILE A 862 -16.20 -15.75 11.16
N ILE A 863 -16.07 -15.11 10.00
CA ILE A 863 -17.09 -14.15 9.58
C ILE A 863 -18.39 -14.85 9.20
N GLN A 864 -18.31 -16.07 8.67
CA GLN A 864 -19.55 -16.78 8.34
C GLN A 864 -20.24 -17.27 9.60
N MET A 865 -19.46 -17.71 10.59
CA MET A 865 -20.03 -18.07 11.89
C MET A 865 -20.69 -16.87 12.54
N ALA A 866 -20.08 -15.69 12.42
CA ALA A 866 -20.70 -14.47 12.93
C ALA A 866 -21.96 -14.12 12.13
N ARG A 867 -21.92 -14.31 10.80
CA ARG A 867 -23.12 -14.03 10.00
C ARG A 867 -24.26 -14.95 10.38
N ALA A 868 -23.98 -16.25 10.56
CA ALA A 868 -25.04 -17.20 10.87
C ALA A 868 -25.83 -16.76 12.10
N LEU A 869 -25.16 -16.12 13.05
CA LEU A 869 -25.85 -15.69 14.26
C LEU A 869 -26.66 -14.42 14.01
N VAL A 870 -26.04 -13.41 13.38
CA VAL A 870 -26.77 -12.17 13.16
C VAL A 870 -27.92 -12.38 12.18
N GLU A 871 -27.81 -13.38 11.31
CA GLU A 871 -28.95 -13.82 10.52
C GLU A 871 -30.12 -14.18 11.42
N ARG A 872 -29.83 -14.93 12.49
CA ARG A 872 -30.90 -15.44 13.36
C ARG A 872 -31.51 -14.35 14.22
N VAL A 873 -30.77 -13.28 14.51
CA VAL A 873 -31.23 -12.23 15.41
C VAL A 873 -31.37 -10.88 14.71
N GLY A 874 -31.07 -10.80 13.43
CA GLY A 874 -31.21 -9.55 12.73
C GLY A 874 -31.13 -9.75 11.23
N ARG A 875 -30.90 -8.66 10.52
CA ARG A 875 -30.78 -8.69 9.06
C ARG A 875 -29.45 -8.10 8.64
N PRO A 876 -28.48 -8.95 8.28
CA PRO A 876 -27.18 -8.43 7.85
C PRO A 876 -27.26 -7.94 6.40
N LEU A 877 -26.71 -6.76 6.16
CA LEU A 877 -26.86 -6.14 4.84
C LEU A 877 -25.73 -6.53 3.91
N GLU A 878 -24.48 -6.41 4.38
CA GLU A 878 -23.31 -6.69 3.56
C GLU A 878 -22.19 -7.22 4.44
N LEU A 879 -21.27 -7.98 3.83
CA LEU A 879 -20.22 -8.69 4.55
C LEU A 879 -19.00 -8.84 3.67
N ASP A 880 -17.83 -8.52 4.20
CA ASP A 880 -16.59 -8.54 3.42
C ASP A 880 -15.37 -8.85 4.28
N THR A 881 -14.97 -10.13 4.26
CA THR A 881 -13.73 -10.64 4.82
C THR A 881 -13.66 -10.67 6.33
N ASP A 882 -13.84 -9.51 6.95
CA ASP A 882 -13.83 -9.40 8.40
C ASP A 882 -14.93 -8.45 8.86
N GLY A 883 -15.75 -7.95 7.95
CA GLY A 883 -16.70 -6.90 8.26
C GLY A 883 -18.12 -7.35 8.00
N ILE A 884 -19.04 -6.80 8.78
CA ILE A 884 -20.46 -7.09 8.64
C ILE A 884 -21.21 -5.80 8.87
N TRP A 885 -22.03 -5.43 7.90
CA TRP A 885 -22.95 -4.31 8.01
C TRP A 885 -24.34 -4.88 8.27
N CYS A 886 -25.04 -4.33 9.25
CA CYS A 886 -26.30 -4.92 9.68
C CYS A 886 -27.19 -3.87 10.30
N ILE A 887 -28.49 -4.17 10.31
CA ILE A 887 -29.47 -3.40 11.07
C ILE A 887 -30.03 -4.33 12.13
N LEU A 888 -30.14 -3.81 13.35
CA LEU A 888 -30.61 -4.60 14.47
C LEU A 888 -31.84 -3.95 15.07
N PRO A 889 -32.78 -4.75 15.60
CA PRO A 889 -33.95 -4.17 16.29
C PRO A 889 -33.53 -3.08 17.24
N LYS A 890 -34.30 -1.99 17.28
CA LYS A 890 -33.96 -0.89 18.15
C LYS A 890 -33.90 -1.31 19.61
N SER A 891 -34.44 -2.50 19.92
CA SER A 891 -34.54 -2.99 21.28
C SER A 891 -33.62 -4.17 21.58
N PHE A 892 -32.87 -4.68 20.60
CA PHE A 892 -31.82 -5.64 20.91
C PHE A 892 -30.93 -5.04 22.00
N PRO A 893 -30.40 -5.87 22.94
CA PRO A 893 -29.39 -5.33 23.89
C PRO A 893 -28.33 -4.46 23.22
N GLU A 894 -28.11 -3.25 23.75
CA GLU A 894 -27.33 -2.27 23.01
C GLU A 894 -25.97 -2.00 23.63
N THR A 895 -25.87 -1.02 24.53
CA THR A 895 -24.62 -0.67 25.19
C THR A 895 -24.92 -0.66 26.68
N TYR A 896 -23.88 -0.90 27.47
CA TYR A 896 -24.02 -0.94 28.92
C TYR A 896 -22.71 -0.49 29.55
N PHE A 897 -22.82 0.31 30.61
CA PHE A 897 -21.67 0.86 31.31
C PHE A 897 -21.58 0.23 32.69
N PHE A 898 -20.52 -0.52 32.94
CA PHE A 898 -20.22 -1.01 34.27
C PHE A 898 -19.65 0.12 35.13
N THR A 899 -19.73 -0.07 36.44
CA THR A 899 -19.10 0.83 37.40
C THR A 899 -18.12 0.02 38.24
N LEU A 900 -16.84 0.35 38.12
CA LEU A 900 -15.83 -0.30 38.95
C LEU A 900 -15.92 0.22 40.38
N GLU A 901 -15.48 -0.61 41.33
CA GLU A 901 -15.50 -0.19 42.73
C GLU A 901 -14.60 1.02 42.96
N ASN A 902 -13.52 1.14 42.19
CA ASN A 902 -12.62 2.27 42.34
C ASN A 902 -13.28 3.59 41.96
N GLY A 903 -14.19 3.55 40.99
CA GLY A 903 -14.80 4.76 40.49
C GLY A 903 -14.57 4.89 39.00
N LYS A 904 -14.48 3.74 38.32
CA LYS A 904 -14.25 3.69 36.89
C LYS A 904 -15.50 3.16 36.20
N LYS A 905 -15.60 3.45 34.90
CA LYS A 905 -16.69 2.99 34.07
C LYS A 905 -16.15 2.02 33.03
N LEU A 906 -16.66 0.80 33.02
CA LEU A 906 -16.23 -0.23 32.08
C LEU A 906 -17.26 -0.36 30.98
N TYR A 907 -16.83 -0.12 29.73
CA TYR A 907 -17.74 -0.16 28.59
C TYR A 907 -18.12 -1.60 28.26
N LEU A 908 -19.39 -1.78 27.89
CA LEU A 908 -19.88 -3.04 27.37
C LEU A 908 -20.85 -2.79 26.22
N SER A 909 -20.58 -3.40 25.07
CA SER A 909 -21.55 -3.47 23.98
C SER A 909 -21.91 -4.93 23.79
N TYR A 910 -23.10 -5.32 24.22
CA TYR A 910 -23.50 -6.72 24.10
C TYR A 910 -23.35 -7.26 22.69
N PRO A 911 -23.90 -6.63 21.64
CA PRO A 911 -23.78 -7.21 20.28
C PRO A 911 -22.35 -7.60 19.91
N CYS A 912 -21.38 -6.71 20.14
CA CYS A 912 -20.00 -7.05 19.85
C CYS A 912 -19.49 -8.15 20.78
N SER A 913 -19.78 -8.02 22.07
CA SER A 913 -19.21 -8.95 23.04
C SER A 913 -19.82 -10.35 22.92
N MET A 914 -21.09 -10.45 22.55
CA MET A 914 -21.69 -11.78 22.38
C MET A 914 -21.13 -12.49 21.16
N LEU A 915 -20.70 -11.74 20.14
CA LEU A 915 -19.98 -12.36 19.04
C LEU A 915 -18.61 -12.85 19.49
N ASN A 916 -17.90 -12.02 20.26
CA ASN A 916 -16.51 -12.32 20.61
C ASN A 916 -16.41 -13.64 21.36
N TYR A 917 -17.34 -13.88 22.27
CA TYR A 917 -17.34 -15.16 23.00
C TYR A 917 -17.36 -16.30 22.00
N ARG A 918 -18.32 -16.30 21.08
CA ARG A 918 -18.47 -17.42 20.17
C ARG A 918 -17.18 -17.71 19.41
N VAL A 919 -16.42 -16.67 19.07
CA VAL A 919 -15.13 -16.88 18.43
C VAL A 919 -14.16 -17.54 19.40
N HIS A 920 -14.12 -17.04 20.63
CA HIS A 920 -13.19 -17.59 21.62
C HIS A 920 -13.54 -19.01 22.03
N GLN A 921 -14.83 -19.35 22.07
CA GLN A 921 -15.22 -20.72 22.34
C GLN A 921 -14.98 -21.64 21.15
N LYS A 922 -14.89 -21.11 19.92
CA LYS A 922 -14.76 -21.93 18.74
C LYS A 922 -13.47 -21.74 17.95
N PHE A 923 -12.75 -20.64 18.15
CA PHE A 923 -11.53 -20.34 17.38
C PHE A 923 -10.42 -19.88 18.33
N THR A 924 -10.03 -20.75 19.27
CA THR A 924 -8.96 -20.43 20.21
C THR A 924 -7.90 -21.51 20.16
N ASN A 925 -6.63 -21.11 20.08
CA ASN A 925 -5.54 -22.07 20.01
C ASN A 925 -5.18 -22.56 21.41
N HIS A 926 -5.42 -23.85 21.66
CA HIS A 926 -5.03 -24.48 22.91
C HIS A 926 -3.75 -25.29 22.78
N GLN A 927 -3.11 -25.25 21.61
CA GLN A 927 -1.85 -25.93 21.38
C GLN A 927 -0.68 -24.97 21.30
N TYR A 928 -0.87 -23.72 21.71
CA TYR A 928 0.19 -22.72 21.55
C TYR A 928 1.34 -23.05 22.49
N GLN A 929 2.42 -23.58 21.93
CA GLN A 929 3.60 -23.93 22.71
C GLN A 929 4.65 -22.82 22.57
N GLU A 930 5.33 -22.53 23.67
CA GLU A 930 6.41 -21.55 23.69
C GLU A 930 7.54 -22.09 24.54
N LEU A 931 8.77 -21.76 24.14
CA LEU A 931 9.96 -22.29 24.81
C LEU A 931 10.13 -21.64 26.17
N LYS A 932 10.14 -22.47 27.22
CA LYS A 932 10.41 -21.97 28.57
C LYS A 932 11.87 -22.14 28.98
N ASP A 933 12.43 -23.32 28.75
CA ASP A 933 13.81 -23.63 29.14
C ASP A 933 14.62 -23.99 27.90
N PRO A 934 15.41 -23.06 27.37
CA PRO A 934 16.23 -23.41 26.19
C PRO A 934 17.35 -24.40 26.50
N LEU A 935 17.87 -24.40 27.73
CA LEU A 935 18.96 -25.33 28.05
C LEU A 935 18.46 -26.77 28.04
N ASN A 936 17.30 -27.02 28.63
CA ASN A 936 16.72 -28.35 28.70
C ASN A 936 15.61 -28.58 27.68
N TYR A 937 15.35 -27.59 26.81
CA TYR A 937 14.42 -27.75 25.69
C TYR A 937 13.03 -28.16 26.18
N ILE A 938 12.42 -27.28 26.97
CA ILE A 938 11.14 -27.51 27.61
C ILE A 938 10.15 -26.48 27.08
N TYR A 939 9.06 -26.98 26.49
CA TYR A 939 8.00 -26.10 25.96
C TYR A 939 6.77 -26.18 26.86
N GLU A 940 5.96 -25.13 26.88
CA GLU A 940 4.76 -25.10 27.74
C GLU A 940 3.53 -24.73 26.91
N THR A 941 2.63 -25.69 26.68
CA THR A 941 1.37 -25.40 25.92
C THR A 941 0.54 -24.37 26.68
N HIS A 942 -0.18 -23.51 25.97
CA HIS A 942 -1.18 -22.65 26.66
C HIS A 942 -2.27 -22.26 25.66
N SER A 943 -3.11 -21.29 26.04
CA SER A 943 -4.27 -20.96 25.16
C SER A 943 -4.17 -19.53 24.64
N GLU A 944 -4.23 -19.36 23.32
CA GLU A 944 -4.03 -18.01 22.73
C GLU A 944 -5.17 -17.64 21.78
N ASN A 945 -5.66 -16.41 21.89
CA ASN A 945 -6.68 -15.92 20.95
C ASN A 945 -6.70 -14.39 21.02
N THR A 946 -6.22 -13.75 19.96
CA THR A 946 -6.27 -12.30 19.83
C THR A 946 -7.26 -11.85 18.76
N ILE A 947 -8.25 -12.68 18.44
CA ILE A 947 -9.22 -12.38 17.38
C ILE A 947 -10.42 -11.69 18.04
N PHE A 948 -10.51 -10.38 17.88
CA PHE A 948 -11.55 -9.60 18.54
C PHE A 948 -12.35 -8.82 17.50
N PHE A 949 -13.67 -8.82 17.66
CA PHE A 949 -14.51 -7.92 16.89
C PHE A 949 -14.52 -6.54 17.55
N GLU A 950 -14.49 -5.50 16.72
CA GLU A 950 -14.71 -4.13 17.16
C GLU A 950 -15.97 -3.60 16.50
N VAL A 951 -16.70 -2.76 17.23
CA VAL A 951 -18.01 -2.30 16.77
C VAL A 951 -17.98 -0.79 16.56
N ASP A 952 -18.61 -0.35 15.48
CA ASP A 952 -18.84 1.07 15.22
C ASP A 952 -20.30 1.28 14.88
N GLY A 953 -20.83 2.42 15.29
CA GLY A 953 -22.23 2.72 15.15
C GLY A 953 -22.80 3.31 16.43
N PRO A 954 -24.12 3.54 16.45
CA PRO A 954 -25.10 3.28 15.40
C PRO A 954 -25.10 4.41 14.37
N TYR A 955 -25.50 4.12 13.14
CA TYR A 955 -25.52 5.10 12.06
C TYR A 955 -26.97 5.45 11.71
N LYS A 956 -27.13 6.64 11.12
CA LYS A 956 -28.46 7.13 10.80
C LYS A 956 -29.00 6.48 9.52
N ALA A 957 -28.17 6.34 8.49
CA ALA A 957 -28.60 5.78 7.22
C ALA A 957 -27.50 4.90 6.65
N MET A 958 -27.93 3.95 5.80
CA MET A 958 -26.99 3.12 5.04
C MET A 958 -27.66 2.79 3.71
N ILE A 959 -27.10 3.32 2.62
CA ILE A 959 -27.67 3.17 1.29
C ILE A 959 -26.87 2.10 0.56
N LEU A 960 -27.51 0.98 0.31
CA LEU A 960 -26.86 -0.07 -0.45
C LEU A 960 -27.51 -0.21 -1.82
N PRO A 961 -26.71 -0.41 -2.86
CA PRO A 961 -27.26 -0.52 -4.21
C PRO A 961 -27.63 -1.95 -4.53
N SER A 962 -28.32 -2.11 -5.66
CA SER A 962 -28.75 -3.40 -6.15
C SER A 962 -28.31 -3.57 -7.59
N SER A 963 -28.15 -4.82 -8.00
CA SER A 963 -27.75 -5.13 -9.37
C SER A 963 -28.89 -4.87 -10.34
N LYS A 964 -28.54 -4.88 -11.62
CA LYS A 964 -29.54 -4.83 -12.68
C LYS A 964 -30.03 -6.22 -13.08
N GLU A 965 -29.31 -7.26 -12.68
CA GLU A 965 -29.64 -8.64 -12.98
C GLU A 965 -30.48 -9.25 -11.86
N GLU A 966 -31.33 -10.20 -12.23
CA GLU A 966 -32.18 -10.85 -11.26
C GLU A 966 -31.34 -11.59 -10.22
N GLY A 967 -31.68 -11.40 -8.95
CA GLY A 967 -31.01 -12.10 -7.87
C GLY A 967 -29.67 -11.51 -7.50
N LYS A 968 -28.88 -11.14 -8.51
CA LYS A 968 -27.55 -10.62 -8.27
C LYS A 968 -27.59 -9.36 -7.41
N GLY A 969 -26.52 -9.15 -6.64
CA GLY A 969 -26.39 -7.97 -5.82
C GLY A 969 -25.11 -7.21 -6.13
N ILE A 970 -24.80 -6.21 -5.31
CA ILE A 970 -23.60 -5.39 -5.49
C ILE A 970 -22.83 -5.39 -4.18
N LYS A 971 -21.59 -5.87 -4.22
CA LYS A 971 -20.70 -5.84 -3.08
C LYS A 971 -19.70 -4.70 -3.21
N LYS A 972 -19.03 -4.40 -2.09
CA LYS A 972 -17.93 -3.42 -2.04
C LYS A 972 -18.37 -2.05 -2.56
N ARG A 973 -19.59 -1.66 -2.23
CA ARG A 973 -20.17 -0.43 -2.76
C ARG A 973 -21.37 -0.06 -1.91
N TYR A 974 -21.32 1.11 -1.27
CA TYR A 974 -22.42 1.62 -0.45
C TYR A 974 -22.09 2.99 0.11
N ALA A 975 -23.04 3.59 0.81
CA ALA A 975 -22.85 4.88 1.46
C ALA A 975 -23.51 4.84 2.83
N VAL A 976 -22.87 5.46 3.82
CA VAL A 976 -23.34 5.48 5.18
C VAL A 976 -23.36 6.92 5.67
N PHE A 977 -24.27 7.21 6.61
CA PHE A 977 -24.41 8.54 7.16
C PHE A 977 -24.46 8.51 8.68
N ASN A 978 -23.78 9.48 9.30
CA ASN A 978 -23.68 9.55 10.74
C ASN A 978 -24.97 10.07 11.35
N GLU A 979 -25.02 10.05 12.69
CA GLU A 979 -26.17 10.57 13.41
C GLU A 979 -26.47 11.99 13.00
N ASP A 980 -25.43 12.81 12.83
CA ASP A 980 -25.59 14.21 12.49
C ASP A 980 -25.67 14.46 10.99
N GLY A 981 -25.82 13.41 10.19
CA GLY A 981 -26.07 13.56 8.77
C GLY A 981 -24.83 13.61 7.90
N SER A 982 -23.65 13.84 8.47
CA SER A 982 -22.44 13.86 7.66
C SER A 982 -22.18 12.48 7.06
N LEU A 983 -21.53 12.48 5.90
CA LEU A 983 -21.29 11.24 5.17
C LEU A 983 -20.29 10.38 5.92
N ALA A 984 -20.76 9.24 6.45
CA ALA A 984 -19.88 8.38 7.23
C ALA A 984 -18.85 7.71 6.34
N GLU A 985 -19.28 6.87 5.41
CA GLU A 985 -18.38 6.15 4.52
C GLU A 985 -19.02 6.00 3.16
N LEU A 986 -18.29 6.36 2.11
CA LEU A 986 -18.71 6.14 0.73
C LEU A 986 -17.69 5.25 0.07
N LYS A 987 -18.10 4.06 -0.34
CA LYS A 987 -17.17 3.01 -0.73
C LYS A 987 -17.45 2.50 -2.13
N GLY A 988 -16.36 2.33 -2.90
CA GLY A 988 -16.40 1.61 -4.15
C GLY A 988 -16.94 2.37 -5.34
N PHE A 989 -17.76 3.40 -5.12
CA PHE A 989 -18.54 4.02 -6.19
C PHE A 989 -17.63 4.81 -7.14
N GLU A 990 -18.21 5.20 -8.28
CA GLU A 990 -17.45 5.91 -9.31
C GLU A 990 -16.97 7.27 -8.80
N LEU A 991 -17.72 7.89 -7.90
CA LEU A 991 -17.32 9.17 -7.32
C LEU A 991 -15.92 9.09 -6.70
N LYS A 992 -15.60 7.98 -6.05
CA LYS A 992 -14.29 7.91 -5.36
C LYS A 992 -13.19 7.50 -6.34
N ARG A 993 -13.52 6.70 -7.36
CA ARG A 993 -12.48 6.17 -8.22
C ARG A 993 -11.84 7.25 -9.08
N ARG A 994 -10.60 7.00 -9.47
CA ARG A 994 -9.95 7.87 -10.45
C ARG A 994 -10.55 7.62 -11.82
N GLY A 995 -10.82 8.70 -12.55
CA GLY A 995 -11.43 8.58 -13.85
C GLY A 995 -12.93 8.43 -13.76
N GLU A 996 -13.48 7.56 -14.62
CA GLU A 996 -14.92 7.36 -14.75
C GLU A 996 -15.59 8.61 -15.33
N LEU A 997 -16.90 8.53 -15.51
CA LEU A 997 -17.66 9.56 -16.21
C LEU A 997 -18.01 10.64 -15.19
N GLN A 998 -17.68 11.90 -15.51
CA GLN A 998 -17.92 12.98 -14.55
C GLN A 998 -19.41 13.15 -14.22
N LEU A 999 -20.30 12.86 -15.17
CA LEU A 999 -21.74 12.87 -14.92
C LEU A 999 -22.11 12.05 -13.69
N ILE A 1000 -21.70 10.78 -13.68
CA ILE A 1000 -22.04 9.88 -12.58
C ILE A 1000 -21.42 10.38 -11.29
N LYS A 1001 -20.17 10.83 -11.34
CA LYS A 1001 -19.50 11.31 -10.13
C LYS A 1001 -20.27 12.47 -9.51
N ASN A 1002 -20.63 13.47 -10.34
CA ASN A 1002 -21.36 14.61 -9.83
C ASN A 1002 -22.78 14.23 -9.44
N PHE A 1003 -23.37 13.29 -10.17
CA PHE A 1003 -24.69 12.76 -9.79
C PHE A 1003 -24.61 12.06 -8.44
N GLN A 1004 -23.64 11.16 -8.29
CA GLN A 1004 -23.49 10.41 -7.05
C GLN A 1004 -23.16 11.33 -5.89
N SER A 1005 -22.33 12.35 -6.13
CA SER A 1005 -22.01 13.31 -5.07
C SER A 1005 -23.21 14.18 -4.69
N ASP A 1006 -24.26 14.20 -5.50
CA ASP A 1006 -25.44 14.99 -5.23
C ASP A 1006 -26.61 14.21 -4.66
N ILE A 1007 -26.66 12.89 -4.89
CA ILE A 1007 -27.84 12.13 -4.52
C ILE A 1007 -27.73 11.45 -3.17
N PHE A 1008 -26.59 10.82 -2.88
CA PHE A 1008 -26.51 9.99 -1.68
C PHE A 1008 -26.96 10.74 -0.44
N LYS A 1009 -26.63 12.03 -0.40
CA LYS A 1009 -27.08 12.90 0.70
C LYS A 1009 -28.59 13.14 0.72
N VAL A 1010 -29.33 12.71 -0.30
CA VAL A 1010 -30.78 12.97 -0.35
C VAL A 1010 -31.61 11.79 0.17
N PHE A 1011 -30.99 10.62 0.38
CA PHE A 1011 -31.69 9.53 1.05
C PHE A 1011 -31.96 9.85 2.52
N LEU A 1012 -31.45 10.98 3.01
CA LEU A 1012 -31.75 11.50 4.34
C LEU A 1012 -32.97 12.41 4.33
N GLU A 1013 -33.61 12.56 3.18
CA GLU A 1013 -34.79 13.39 3.03
C GLU A 1013 -36.00 12.50 2.85
N GLY A 1014 -37.17 13.00 3.23
CA GLY A 1014 -38.35 12.18 3.16
C GLY A 1014 -38.77 11.70 4.54
N ASP A 1015 -40.08 11.60 4.73
CA ASP A 1015 -40.66 11.20 6.00
C ASP A 1015 -41.08 9.74 6.03
N THR A 1016 -40.78 8.98 4.98
CA THR A 1016 -40.99 7.54 4.99
C THR A 1016 -40.30 7.02 3.73
N LEU A 1017 -40.03 5.71 3.72
CA LEU A 1017 -39.30 5.09 2.59
C LEU A 1017 -39.86 5.51 1.24
N GLU A 1018 -41.17 5.79 1.17
CA GLU A 1018 -41.76 6.28 -0.07
C GLU A 1018 -41.48 7.77 -0.26
N GLY A 1019 -41.64 8.57 0.81
CA GLY A 1019 -41.24 9.98 0.72
C GLY A 1019 -39.74 10.15 0.54
N CYS A 1020 -38.96 9.19 1.03
CA CYS A 1020 -37.52 9.24 0.84
C CYS A 1020 -37.16 9.06 -0.64
N TYR A 1021 -37.55 7.94 -1.22
CA TYR A 1021 -37.27 7.67 -2.64
C TYR A 1021 -37.82 8.76 -3.55
N SER A 1022 -38.75 9.59 -3.06
CA SER A 1022 -39.29 10.68 -3.86
C SER A 1022 -38.32 11.84 -3.93
N ALA A 1023 -37.84 12.32 -2.77
CA ALA A 1023 -36.88 13.41 -2.76
C ALA A 1023 -35.63 13.07 -3.56
N VAL A 1024 -35.22 11.79 -3.54
CA VAL A 1024 -34.16 11.34 -4.43
C VAL A 1024 -34.59 11.51 -5.88
N ALA A 1025 -35.78 11.01 -6.22
CA ALA A 1025 -36.27 11.10 -7.60
C ALA A 1025 -36.33 12.54 -8.11
N SER A 1026 -36.59 13.49 -7.21
CA SER A 1026 -36.62 14.90 -7.60
C SER A 1026 -35.29 15.32 -8.24
N VAL A 1027 -34.18 15.07 -7.57
CA VAL A 1027 -32.90 15.43 -8.14
C VAL A 1027 -32.45 14.44 -9.21
N CYS A 1028 -33.02 13.24 -9.22
CA CYS A 1028 -32.80 12.32 -10.34
C CYS A 1028 -33.38 12.90 -11.63
N ASN A 1029 -34.64 13.34 -11.58
CA ASN A 1029 -35.25 13.95 -12.75
C ASN A 1029 -34.54 15.24 -13.14
N ARG A 1030 -34.00 15.97 -12.16
CA ARG A 1030 -33.27 17.20 -12.45
C ARG A 1030 -32.04 16.92 -13.30
N TRP A 1031 -31.33 15.82 -13.02
CA TRP A 1031 -30.19 15.42 -13.83
C TRP A 1031 -30.63 14.81 -15.15
N LEU A 1032 -31.71 14.02 -15.13
CA LEU A 1032 -32.25 13.47 -16.36
C LEU A 1032 -32.67 14.57 -17.33
N ASP A 1033 -33.34 15.60 -16.82
CA ASP A 1033 -33.77 16.72 -17.65
C ASP A 1033 -32.61 17.24 -18.49
N VAL A 1034 -31.43 17.36 -17.89
CA VAL A 1034 -30.28 17.92 -18.60
C VAL A 1034 -29.91 17.07 -19.80
N LEU A 1035 -29.96 15.75 -19.63
CA LEU A 1035 -29.57 14.85 -20.72
C LEU A 1035 -30.57 14.92 -21.85
N ASP A 1036 -31.86 14.85 -21.53
CA ASP A 1036 -32.90 14.98 -22.55
C ASP A 1036 -32.92 16.39 -23.14
N SER A 1037 -32.55 17.40 -22.36
CA SER A 1037 -32.38 18.75 -22.90
C SER A 1037 -31.17 18.90 -23.81
N HIS A 1038 -30.40 17.83 -24.03
CA HIS A 1038 -29.24 17.88 -24.93
C HIS A 1038 -28.27 19.01 -24.54
N GLY A 1039 -28.21 19.30 -23.24
CA GLY A 1039 -27.24 20.23 -22.69
C GLY A 1039 -27.60 21.69 -22.81
N LEU A 1040 -28.85 22.00 -23.15
CA LEU A 1040 -29.20 23.41 -23.42
C LEU A 1040 -29.01 24.27 -22.17
N MET A 1041 -29.31 23.71 -21.01
CA MET A 1041 -29.20 24.45 -19.76
C MET A 1041 -27.78 24.69 -19.30
N LEU A 1042 -26.81 23.95 -19.87
CA LEU A 1042 -25.42 24.05 -19.36
C LEU A 1042 -24.58 24.96 -20.26
N GLU A 1043 -23.76 25.82 -19.66
CA GLU A 1043 -22.84 26.66 -20.46
C GLU A 1043 -21.79 25.73 -21.06
N ASP A 1044 -21.35 26.01 -22.29
CA ASP A 1044 -20.41 25.09 -22.98
C ASP A 1044 -19.28 24.66 -22.03
N GLU A 1045 -18.71 25.62 -21.31
CA GLU A 1045 -17.55 25.30 -20.42
C GLU A 1045 -17.99 24.27 -19.37
N ASP A 1046 -19.08 24.57 -18.64
CA ASP A 1046 -19.54 23.66 -17.55
C ASP A 1046 -20.03 22.34 -18.16
N LEU A 1047 -20.39 22.35 -19.44
CA LEU A 1047 -20.96 21.13 -20.08
C LEU A 1047 -19.86 20.06 -20.21
N VAL A 1048 -18.74 20.41 -20.83
CA VAL A 1048 -17.67 19.39 -21.07
C VAL A 1048 -17.11 18.95 -19.71
N SER A 1049 -17.03 19.88 -18.76
CA SER A 1049 -16.48 19.56 -17.42
C SER A 1049 -17.46 18.65 -16.67
N LEU A 1050 -18.53 18.22 -17.34
CA LEU A 1050 -19.56 17.36 -16.68
C LEU A 1050 -19.86 16.16 -17.57
N ILE A 1051 -19.35 16.16 -18.81
CA ILE A 1051 -19.68 15.07 -19.76
C ILE A 1051 -18.42 14.29 -20.11
N CYS A 1052 -17.26 14.74 -19.60
CA CYS A 1052 -15.98 14.10 -19.99
C CYS A 1052 -15.67 12.86 -19.15
N GLU A 1053 -15.03 11.86 -19.77
CA GLU A 1053 -14.58 10.67 -19.01
C GLU A 1053 -13.04 10.69 -19.08
N ASN A 1054 -12.37 10.59 -17.94
CA ASN A 1054 -10.91 10.73 -17.90
C ASN A 1054 -10.27 9.44 -17.39
N ARG A 1055 -10.18 8.45 -18.28
CA ARG A 1055 -9.54 7.16 -17.93
C ARG A 1055 -8.02 7.29 -18.07
N SER A 1056 -7.26 6.50 -17.31
CA SER A 1056 -5.78 6.61 -17.35
C SER A 1056 -5.18 5.37 -18.02
N MET A 1057 -4.01 5.52 -18.65
CA MET A 1057 -3.35 4.39 -19.33
C MET A 1057 -2.13 3.95 -18.51
N SER A 1058 -2.18 2.74 -17.94
CA SER A 1058 -1.08 2.25 -17.07
C SER A 1058 0.24 2.23 -17.85
N LYS A 1059 0.16 2.04 -19.17
CA LYS A 1059 1.37 1.96 -19.99
C LYS A 1059 1.32 2.99 -21.12
N THR A 1060 2.25 2.86 -22.06
CA THR A 1060 2.21 3.62 -23.29
C THR A 1060 1.30 2.92 -24.29
N LEU A 1061 0.91 3.66 -25.33
CA LEU A 1061 0.02 3.10 -26.35
C LEU A 1061 0.65 1.88 -27.00
N LYS A 1062 1.94 1.96 -27.32
CA LYS A 1062 2.61 0.91 -28.09
C LYS A 1062 2.45 -0.48 -27.48
N GLU A 1063 2.06 -0.57 -26.20
CA GLU A 1063 2.00 -1.84 -25.51
C GLU A 1063 0.61 -2.44 -25.43
N TYR A 1064 -0.43 -1.70 -25.84
CA TYR A 1064 -1.79 -2.24 -25.92
C TYR A 1064 -2.13 -2.71 -27.33
N GLU A 1065 -1.15 -3.25 -28.06
CA GLU A 1065 -1.35 -3.63 -29.45
C GLU A 1065 -2.54 -4.57 -29.61
N GLY A 1066 -3.39 -4.27 -30.60
CA GLY A 1066 -4.52 -5.11 -30.89
C GLY A 1066 -5.66 -5.04 -29.89
N GLN A 1067 -5.53 -4.28 -28.82
CA GLN A 1067 -6.65 -4.09 -27.91
C GLN A 1067 -7.46 -2.86 -28.31
N LYS A 1068 -8.69 -2.80 -27.81
CA LYS A 1068 -9.62 -1.72 -28.13
C LYS A 1068 -10.27 -1.19 -26.87
N SER A 1069 -10.28 0.13 -26.73
CA SER A 1069 -10.92 0.79 -25.59
C SER A 1069 -11.12 2.25 -25.95
N THR A 1070 -11.93 2.94 -25.15
CA THR A 1070 -12.04 4.38 -25.31
C THR A 1070 -10.72 5.07 -24.97
N SER A 1071 -9.95 4.50 -24.04
CA SER A 1071 -8.67 5.11 -23.68
C SER A 1071 -7.64 4.93 -24.78
N ILE A 1072 -7.64 3.76 -25.44
CA ILE A 1072 -6.69 3.51 -26.52
C ILE A 1072 -7.00 4.40 -27.72
N THR A 1073 -8.26 4.53 -28.08
CA THR A 1073 -8.64 5.39 -29.20
C THR A 1073 -8.30 6.85 -28.90
N THR A 1074 -8.69 7.32 -27.71
CA THR A 1074 -8.38 8.69 -27.32
C THR A 1074 -6.89 8.97 -27.39
N ALA A 1075 -6.07 8.07 -26.84
CA ALA A 1075 -4.63 8.20 -26.95
C ALA A 1075 -4.19 8.20 -28.40
N ARG A 1076 -4.69 7.25 -29.19
CA ARG A 1076 -4.35 7.18 -30.60
C ARG A 1076 -4.73 8.47 -31.32
N ARG A 1077 -5.85 9.08 -30.95
CA ARG A 1077 -6.29 10.30 -31.61
C ARG A 1077 -5.62 11.54 -31.04
N LEU A 1078 -5.35 11.56 -29.73
CA LEU A 1078 -4.48 12.57 -29.15
C LEU A 1078 -3.14 12.66 -29.86
N GLY A 1079 -2.65 11.55 -30.40
CA GLY A 1079 -1.35 11.56 -31.04
C GLY A 1079 -1.34 12.29 -32.36
N ASP A 1080 -2.23 11.92 -33.28
CA ASP A 1080 -2.27 12.57 -34.58
C ASP A 1080 -2.67 14.04 -34.44
N PHE A 1081 -3.63 14.31 -33.56
CA PHE A 1081 -4.08 15.69 -33.37
C PHE A 1081 -2.95 16.57 -32.87
N LEU A 1082 -2.17 16.10 -31.90
CA LEU A 1082 -1.15 16.95 -31.27
C LEU A 1082 0.29 16.50 -31.48
N GLY A 1083 0.57 15.22 -31.55
CA GLY A 1083 1.91 14.74 -31.84
C GLY A 1083 2.19 13.41 -31.16
N GLU A 1084 3.19 12.70 -31.69
CA GLU A 1084 3.61 11.46 -31.06
C GLU A 1084 4.20 11.70 -29.69
N ASP A 1085 4.75 12.90 -29.44
CA ASP A 1085 5.28 13.23 -28.13
C ASP A 1085 4.19 13.35 -27.08
N MET A 1086 2.93 13.14 -27.45
CA MET A 1086 1.87 13.06 -26.47
C MET A 1086 1.91 11.74 -25.72
N VAL A 1087 2.03 10.63 -26.45
CA VAL A 1087 2.00 9.31 -25.83
C VAL A 1087 3.35 8.64 -25.54
N LYS A 1088 4.41 9.43 -25.49
CA LYS A 1088 5.70 8.89 -25.07
C LYS A 1088 5.87 8.23 -23.72
N ASP A 1089 5.22 8.78 -22.69
CA ASP A 1089 5.32 8.25 -21.34
C ASP A 1089 4.07 7.45 -20.98
N LYS A 1090 4.26 6.49 -20.08
CA LYS A 1090 3.11 5.81 -19.51
C LYS A 1090 2.35 6.75 -18.57
N GLY A 1091 1.09 6.41 -18.32
CA GLY A 1091 0.27 7.19 -17.40
C GLY A 1091 -0.47 8.33 -18.05
N LEU A 1092 -0.95 8.11 -19.27
CA LEU A 1092 -1.65 9.17 -20.01
C LEU A 1092 -3.06 9.35 -19.46
N GLN A 1093 -3.44 10.61 -19.26
CA GLN A 1093 -4.83 10.95 -18.93
C GLN A 1093 -5.60 11.07 -20.24
N CYS A 1094 -6.48 10.12 -20.50
CA CYS A 1094 -7.29 10.12 -21.72
C CYS A 1094 -8.62 10.81 -21.39
N LYS A 1095 -8.73 12.09 -21.75
CA LYS A 1095 -9.94 12.87 -21.55
C LYS A 1095 -10.75 12.85 -22.84
N TYR A 1096 -11.87 12.13 -22.83
CA TYR A 1096 -12.61 11.88 -24.06
C TYR A 1096 -14.11 12.16 -23.89
N ILE A 1097 -14.79 12.20 -25.03
CA ILE A 1097 -16.24 12.33 -25.11
C ILE A 1097 -16.70 11.40 -26.23
N ILE A 1098 -17.87 10.80 -26.05
CA ILE A 1098 -18.40 9.84 -27.02
C ILE A 1098 -19.27 10.56 -28.04
N SER A 1099 -19.05 10.27 -29.31
CA SER A 1099 -19.76 10.93 -30.41
C SER A 1099 -20.90 10.07 -30.94
N SER A 1100 -21.81 10.72 -31.67
CA SER A 1100 -22.88 9.98 -32.34
C SER A 1100 -22.36 9.30 -33.61
N LYS A 1101 -21.61 10.04 -34.43
CA LYS A 1101 -21.16 9.50 -35.71
C LYS A 1101 -19.76 8.92 -35.58
N PRO A 1102 -19.48 7.78 -36.25
CA PRO A 1102 -20.37 7.06 -37.18
C PRO A 1102 -21.51 6.34 -36.47
N PHE A 1103 -22.70 6.37 -37.08
CA PHE A 1103 -23.84 5.65 -36.54
C PHE A 1103 -23.59 4.14 -36.65
N ASN A 1104 -24.16 3.41 -35.69
CA ASN A 1104 -24.07 1.95 -35.65
C ASN A 1104 -22.64 1.48 -35.84
N ALA A 1105 -21.77 1.92 -34.92
CA ALA A 1105 -20.37 1.58 -34.91
C ALA A 1105 -19.95 1.47 -33.45
N PRO A 1106 -19.08 0.52 -33.13
CA PRO A 1106 -18.70 0.29 -31.71
C PRO A 1106 -18.26 1.54 -30.97
N VAL A 1107 -18.36 1.51 -29.64
CA VAL A 1107 -18.14 2.70 -28.84
C VAL A 1107 -16.67 3.07 -28.74
N THR A 1108 -15.77 2.09 -28.77
CA THR A 1108 -14.35 2.40 -28.74
C THR A 1108 -13.91 3.24 -29.92
N GLU A 1109 -14.68 3.24 -31.00
CA GLU A 1109 -14.33 3.98 -32.20
C GLU A 1109 -14.88 5.42 -32.19
N ARG A 1110 -15.82 5.72 -31.31
CA ARG A 1110 -16.41 7.06 -31.26
C ARG A 1110 -15.94 7.81 -30.03
N ALA A 1111 -14.62 7.84 -29.79
CA ALA A 1111 -14.04 8.51 -28.64
C ALA A 1111 -13.28 9.75 -29.11
N ILE A 1112 -13.80 10.92 -28.78
CA ILE A 1112 -13.26 12.19 -29.26
C ILE A 1112 -12.45 12.84 -28.15
N PRO A 1113 -11.19 13.19 -28.39
CA PRO A 1113 -10.42 13.99 -27.43
C PRO A 1113 -11.08 15.35 -27.19
N VAL A 1114 -11.39 15.64 -25.93
CA VAL A 1114 -12.03 16.90 -25.58
C VAL A 1114 -11.05 18.06 -25.71
N ALA A 1115 -9.80 17.75 -26.08
CA ALA A 1115 -8.84 18.80 -26.37
C ALA A 1115 -9.05 19.39 -27.76
N ILE A 1116 -9.55 18.59 -28.71
CA ILE A 1116 -9.81 19.10 -30.06
C ILE A 1116 -10.83 20.22 -30.00
N PHE A 1117 -11.73 20.18 -29.03
CA PHE A 1117 -12.77 21.19 -28.90
C PHE A 1117 -12.25 22.53 -28.41
N SER A 1118 -10.95 22.61 -28.10
CA SER A 1118 -10.28 23.88 -27.82
C SER A 1118 -9.16 24.16 -28.81
N ALA A 1119 -9.08 23.38 -29.88
CA ALA A 1119 -8.06 23.58 -30.90
C ALA A 1119 -8.57 24.50 -32.00
N ASP A 1120 -7.66 24.84 -32.91
CA ASP A 1120 -7.99 25.75 -34.00
C ASP A 1120 -9.14 25.20 -34.85
N ILE A 1121 -9.91 26.13 -35.42
CA ILE A 1121 -11.07 25.74 -36.23
C ILE A 1121 -10.73 24.92 -37.46
N PRO A 1122 -9.63 25.18 -38.19
CA PRO A 1122 -9.29 24.25 -39.27
C PRO A 1122 -8.73 22.92 -38.78
N ILE A 1123 -8.00 22.93 -37.67
CA ILE A 1123 -7.59 21.69 -37.03
C ILE A 1123 -8.81 20.94 -36.52
N LYS A 1124 -9.72 21.65 -35.85
CA LYS A 1124 -10.93 21.03 -35.31
C LYS A 1124 -11.69 20.30 -36.40
N ARG A 1125 -12.09 21.03 -37.45
CA ARG A 1125 -12.94 20.46 -38.49
C ARG A 1125 -12.39 19.15 -39.05
N SER A 1126 -11.19 19.19 -39.63
CA SER A 1126 -10.66 18.05 -40.38
C SER A 1126 -10.66 16.79 -39.54
N PHE A 1127 -10.18 16.87 -38.30
CA PHE A 1127 -10.17 15.70 -37.42
C PHE A 1127 -11.58 15.23 -37.12
N LEU A 1128 -12.44 16.16 -36.69
CA LEU A 1128 -13.83 15.81 -36.37
C LEU A 1128 -14.56 15.22 -37.56
N ARG A 1129 -14.09 15.47 -38.79
CA ARG A 1129 -14.75 14.90 -39.96
C ARG A 1129 -14.36 13.44 -40.15
N ARG A 1130 -13.07 13.13 -40.06
CA ARG A 1130 -12.65 11.73 -40.23
C ARG A 1130 -13.03 10.90 -39.02
N TRP A 1131 -13.03 11.50 -37.83
CA TRP A 1131 -13.45 10.76 -36.65
C TRP A 1131 -14.93 10.42 -36.70
N THR A 1132 -15.73 11.25 -37.36
CA THR A 1132 -17.14 10.96 -37.55
C THR A 1132 -17.42 10.27 -38.87
N LEU A 1133 -16.41 10.15 -39.74
CA LEU A 1133 -16.59 9.63 -41.10
C LEU A 1133 -17.70 10.37 -41.82
N ASP A 1134 -17.69 11.69 -41.70
CA ASP A 1134 -18.67 12.57 -42.34
C ASP A 1134 -17.91 13.72 -42.99
N PRO A 1135 -17.30 13.48 -44.15
CA PRO A 1135 -16.43 14.51 -44.77
C PRO A 1135 -17.14 15.82 -45.09
N SER A 1136 -18.47 15.88 -44.99
CA SER A 1136 -19.22 17.11 -45.22
C SER A 1136 -20.00 17.46 -43.96
N LEU A 1137 -19.26 17.91 -42.92
CA LEU A 1137 -19.87 18.33 -41.66
C LEU A 1137 -19.19 19.63 -41.22
N GLU A 1138 -19.93 20.73 -41.24
CA GLU A 1138 -19.45 22.02 -40.78
C GLU A 1138 -19.92 22.37 -39.37
N ASP A 1139 -20.89 21.63 -38.84
CA ASP A 1139 -21.44 21.91 -37.51
C ASP A 1139 -20.47 21.39 -36.45
N LEU A 1140 -19.70 22.29 -35.85
CA LEU A 1140 -18.68 21.93 -34.88
C LEU A 1140 -19.13 22.15 -33.43
N ASP A 1141 -20.35 22.63 -33.20
CA ASP A 1141 -20.78 22.92 -31.84
C ASP A 1141 -20.93 21.65 -31.02
N ILE A 1142 -20.40 21.71 -29.79
CA ILE A 1142 -20.20 20.52 -28.96
C ILE A 1142 -21.45 19.66 -28.92
N ARG A 1143 -22.63 20.29 -28.75
CA ARG A 1143 -23.86 19.56 -28.46
C ARG A 1143 -24.33 18.67 -29.61
N THR A 1144 -23.93 18.98 -30.85
CA THR A 1144 -24.37 18.16 -31.98
C THR A 1144 -23.59 16.85 -32.07
N ILE A 1145 -22.39 16.81 -31.49
CA ILE A 1145 -21.53 15.59 -31.64
C ILE A 1145 -21.82 14.57 -30.53
N ILE A 1146 -22.20 15.03 -29.34
CA ILE A 1146 -22.37 14.10 -28.18
C ILE A 1146 -23.47 13.08 -28.47
N ASP A 1147 -23.20 11.80 -28.20
CA ASP A 1147 -24.26 10.75 -28.34
C ASP A 1147 -25.04 10.74 -27.03
N TRP A 1148 -25.91 11.72 -26.83
CA TRP A 1148 -26.64 11.84 -25.54
C TRP A 1148 -27.31 10.50 -25.21
N GLY A 1149 -27.64 9.69 -26.22
CA GLY A 1149 -28.24 8.37 -25.97
C GLY A 1149 -27.35 7.51 -25.11
N TYR A 1150 -26.05 7.45 -25.44
CA TYR A 1150 -25.08 6.67 -24.64
C TYR A 1150 -25.04 7.23 -23.21
N TYR A 1151 -24.95 8.55 -23.08
CA TYR A 1151 -24.85 9.19 -21.75
C TYR A 1151 -26.14 8.91 -20.98
N ARG A 1152 -27.28 8.93 -21.67
CA ARG A 1152 -28.59 8.70 -21.01
C ARG A 1152 -28.59 7.27 -20.45
N GLU A 1153 -28.09 6.31 -21.22
CA GLU A 1153 -28.07 4.90 -20.76
C GLU A 1153 -27.20 4.82 -19.50
N ARG A 1154 -25.99 5.37 -19.57
CA ARG A 1154 -25.07 5.30 -18.41
C ARG A 1154 -25.76 5.93 -17.20
N LEU A 1155 -26.21 7.18 -17.33
CA LEU A 1155 -26.94 7.79 -16.23
C LEU A 1155 -28.18 6.98 -15.88
N GLY A 1156 -28.73 6.24 -16.85
CA GLY A 1156 -29.88 5.39 -16.56
C GLY A 1156 -29.53 4.23 -15.66
N SER A 1157 -28.41 3.57 -15.92
CA SER A 1157 -28.00 2.43 -15.09
C SER A 1157 -27.71 2.87 -13.66
N ALA A 1158 -27.12 4.05 -13.49
CA ALA A 1158 -26.86 4.57 -12.15
C ALA A 1158 -28.16 4.82 -11.39
N ILE A 1159 -29.17 5.35 -12.07
CA ILE A 1159 -30.47 5.55 -11.44
C ILE A 1159 -31.10 4.21 -11.08
N GLN A 1160 -31.02 3.25 -12.00
CA GLN A 1160 -31.57 1.91 -11.73
C GLN A 1160 -30.92 1.30 -10.49
N LYS A 1161 -29.60 1.38 -10.39
CA LYS A 1161 -28.87 0.65 -9.36
C LYS A 1161 -28.92 1.35 -8.00
N ILE A 1162 -28.92 2.67 -7.96
CA ILE A 1162 -28.93 3.37 -6.68
C ILE A 1162 -30.34 3.67 -6.19
N ILE A 1163 -31.31 3.81 -7.09
CA ILE A 1163 -32.65 4.25 -6.69
C ILE A 1163 -33.72 3.22 -7.06
N THR A 1164 -34.06 3.15 -8.36
CA THR A 1164 -35.32 2.54 -8.77
C THR A 1164 -35.37 1.06 -8.43
N ILE A 1165 -34.36 0.30 -8.83
CA ILE A 1165 -34.34 -1.13 -8.56
C ILE A 1165 -34.39 -1.37 -7.05
N PRO A 1166 -33.43 -0.88 -6.24
CA PRO A 1166 -33.53 -1.11 -4.79
C PRO A 1166 -34.89 -0.77 -4.20
N ALA A 1167 -35.53 0.28 -4.72
CA ALA A 1167 -36.90 0.58 -4.30
C ALA A 1167 -37.85 -0.56 -4.61
N ALA A 1168 -37.73 -1.16 -5.81
CA ALA A 1168 -38.59 -2.27 -6.19
C ALA A 1168 -38.38 -3.48 -5.26
N LEU A 1169 -37.13 -3.77 -4.91
CA LEU A 1169 -36.86 -4.85 -3.96
C LEU A 1169 -37.28 -4.48 -2.54
N GLN A 1170 -37.45 -3.19 -2.26
CA GLN A 1170 -38.01 -2.72 -1.00
C GLN A 1170 -39.51 -2.45 -1.09
N GLY A 1171 -40.13 -2.76 -2.23
CA GLY A 1171 -41.57 -2.69 -2.35
C GLY A 1171 -42.12 -1.36 -2.80
N VAL A 1172 -41.28 -0.36 -3.03
CA VAL A 1172 -41.75 0.92 -3.53
C VAL A 1172 -41.91 0.74 -5.04
N SER A 1173 -42.77 1.56 -5.65
CA SER A 1173 -42.95 1.59 -7.10
C SER A 1173 -41.79 2.43 -7.62
N ASN A 1174 -41.44 2.22 -8.90
CA ASN A 1174 -40.29 2.85 -9.56
C ASN A 1174 -40.55 4.31 -9.27
N PRO A 1175 -39.62 5.01 -8.64
CA PRO A 1175 -39.92 6.39 -8.22
C PRO A 1175 -39.41 7.30 -9.32
N VAL A 1176 -38.59 6.80 -10.24
CA VAL A 1176 -38.15 7.59 -11.40
C VAL A 1176 -38.72 6.92 -12.64
N PRO A 1177 -40.01 7.12 -12.94
CA PRO A 1177 -40.62 6.37 -14.06
C PRO A 1177 -40.05 6.74 -15.42
N ARG A 1178 -39.18 7.75 -15.50
CA ARG A 1178 -38.51 8.07 -16.75
C ARG A 1178 -37.39 7.08 -17.08
N VAL A 1179 -36.94 6.29 -16.10
CA VAL A 1179 -36.03 5.18 -16.33
C VAL A 1179 -36.78 3.90 -16.01
N GLU A 1180 -36.94 3.04 -17.01
CA GLU A 1180 -37.74 1.84 -16.88
C GLU A 1180 -37.02 0.76 -16.09
N HIS A 1181 -37.76 -0.26 -15.74
CA HIS A 1181 -37.20 -1.48 -15.17
C HIS A 1181 -36.81 -2.44 -16.30
N PRO A 1182 -35.86 -3.35 -16.05
CA PRO A 1182 -35.56 -4.39 -17.04
C PRO A 1182 -36.70 -5.39 -17.17
N ASP A 1183 -36.59 -6.23 -18.20
CA ASP A 1183 -37.65 -7.17 -18.52
C ASP A 1183 -37.97 -8.09 -17.34
N TRP A 1184 -36.92 -8.68 -16.75
CA TRP A 1184 -37.14 -9.62 -15.65
C TRP A 1184 -37.80 -8.95 -14.45
N LEU A 1185 -37.46 -7.69 -14.18
CA LEU A 1185 -38.00 -7.01 -13.01
C LEU A 1185 -39.39 -6.43 -13.27
N LYS A 1186 -39.73 -6.16 -14.52
CA LYS A 1186 -41.13 -5.91 -14.87
C LYS A 1186 -41.96 -7.16 -14.64
N ARG A 1187 -41.45 -8.31 -15.05
CA ARG A 1187 -42.19 -9.56 -14.95
C ARG A 1187 -42.37 -10.04 -13.52
N LYS A 1188 -41.72 -9.40 -12.55
CA LYS A 1188 -41.74 -9.87 -11.18
C LYS A 1188 -42.54 -9.01 -10.22
N ILE A 1189 -42.93 -7.79 -10.61
CA ILE A 1189 -43.93 -7.07 -9.83
C ILE A 1189 -45.29 -7.74 -10.02
N ALA A 1190 -45.66 -8.01 -11.27
CA ALA A 1190 -46.76 -8.92 -11.57
C ALA A 1190 -46.19 -10.32 -11.68
N THR A 1191 -45.94 -10.93 -10.52
CA THR A 1191 -45.28 -12.22 -10.40
C THR A 1191 -45.86 -13.29 -11.32
N1 DOC B 11 -9.92 -5.52 1.50
C2 DOC B 11 -8.95 -6.29 0.87
N3 DOC B 11 -7.84 -5.68 0.38
C4 DOC B 11 -7.69 -4.36 0.49
C5 DOC B 11 -8.68 -3.55 1.13
C6 DOC B 11 -9.76 -4.17 1.61
O2 DOC B 11 -9.12 -7.51 0.78
N4 DOC B 11 -6.59 -3.81 -0.01
C1' DOC B 11 -11.12 -6.19 2.03
C2' DOC B 11 -10.96 -6.75 3.44
C3' DOC B 11 -11.67 -5.73 4.30
C4' DOC B 11 -12.77 -5.24 3.41
O4' DOC B 11 -12.17 -5.22 2.09
C5' DOC B 11 -13.30 -3.87 3.73
O5' DOC B 11 -14.70 -3.81 3.42
P DOC B 11 -15.26 -2.57 2.55
OP1 DOC B 11 -16.76 -2.60 2.63
OP2 DOC B 11 -14.63 -1.31 3.12
PG DTP D . -8.18 -2.97 11.00
O1G DTP D . -8.05 -1.56 10.55
O2G DTP D . -7.66 -3.19 12.40
O3G DTP D . -9.56 -3.51 10.82
PB DTP D . -7.31 -5.22 9.28
O1B DTP D . -5.95 -5.78 9.13
O2B DTP D . -8.38 -6.05 9.87
O3B DTP D . -7.21 -3.82 10.06
PA DTP D . -9.22 -4.65 7.15
O1A DTP D . -9.34 -3.39 6.36
O2A DTP D . -10.26 -4.93 8.19
O3A DTP D . -7.80 -4.70 7.85
O5' DTP D . -9.11 -5.90 6.16
C5' DTP D . -9.24 -7.21 6.73
C4' DTP D . -8.11 -8.09 6.24
O4' DTP D . -7.98 -7.95 4.82
C3' DTP D . -6.73 -7.75 6.78
O3' DTP D . -6.54 -8.27 8.09
C2' DTP D . -5.86 -8.45 5.76
C1' DTP D . -6.61 -8.18 4.46
N9 DTP D . -6.10 -6.99 3.80
C8 DTP D . -6.63 -5.73 3.83
N7 DTP D . -5.91 -4.87 3.14
C5 DTP D . -4.86 -5.62 2.64
C6 DTP D . -3.76 -5.30 1.83
N6 DTP D . -3.51 -4.08 1.36
N1 DTP D . -2.89 -6.29 1.53
C2 DTP D . -3.13 -7.52 2.00
N3 DTP D . -4.14 -7.94 2.77
C4 DTP D . -4.97 -6.92 3.04
CA CA E . -10.31 -5.39 10.29
#